data_6OCU
#
_entry.id   6OCU
#
_cell.length_a   90.998
_cell.length_b   109.407
_cell.length_c   142.592
_cell.angle_alpha   90.000
_cell.angle_beta   90.000
_cell.angle_gamma   90.000
#
_symmetry.space_group_name_H-M   'P 21 21 21'
#
loop_
_entity.id
_entity.type
_entity.pdbx_description
1 polymer 'Phosphatidylinositol 4,5-bisphosphate 3-kinase catalytic subunit delta isoform'
2 polymer 'Phosphatidylinositol 3-kinase regulatory subunit alpha'
3 non-polymer 5-{(3R)-3-methyl-4-[(1R,2R)-2-methylcyclopropane-1-carbonyl]piperazin-1-yl}-3-(1-methyl-1H-pyrazol-4-yl)pyrazine-2-carbonitrile
#
loop_
_entity_poly.entity_id
_entity_poly.type
_entity_poly.pdbx_seq_one_letter_code
_entity_poly.pdbx_strand_id
1 'polypeptide(L)'
;MPPGVDCPMEFWTKEENQSVVVDFLLPTGVYLNFPVSRNANLSTIKQLLWHRAQYEPLFHMLSGPEAYVFTCINQTAEQQ
ELEDEQRRLCDVQPFLPVLRLVAREGDRVKKLINSQISLLIGKGLHEFDSLCDPEVNDFRAKMCQFCEEAAARRQQLGWE
AWLQYSFPLQLEPSAQTWGPGTLRLPNRALLVNVKFEGSEESFTFQVSTKDVPLALMACALRKKATVFRQPLVEQPEDYT
LQVNGRHEYLYGSYPLCQFQYICSCLHSGLTPHLTMVHSSSILAMRDEQSNPAPQVQKPRAKPPPIPAKKPSSVSLWSLE
QPFRIELIQGSKVNADERMKLVVQAGLFHGNEMLCKTVSSSEVSVCSEPVWKQRLEFDINICDLPRMARLCFALYAVIEK
AKKARSTKKKSKKADCPIAWANLMLFDYKDQLKTGERCLYMWPSVPDEKGELLNPTGTVRSNPNTDSAAALLICLPEVAP
HPVYYPALEKILELGRHSECVHVTEEEQLQLREILERRGSGELYEHEKDLVWKLRHEVQEHFPEALARLLLVTKWNKHED
VAQMLYLLCSWPELPVLSALELLDFSFPDCHVGSFAIKSLRKLTDDELFQYLLQLVQVLKYESYLDCELTKFLLDRALAN
RKIGHFLFWHLRSEMHVPSVALRFGLILEAYCRGSTHHMKVLMKQGEALSKLKALNDFVKLSSQKTPKPQTKELMHLCMR
QEAYLEALSHLQSPLDPSTLLAEVCVEQCTFMDSKMKPLWIMYSNEEAGSGGSVGIIFKNGDDLRQDMLTLQMIQLMDVL
WKQEGLDLRMTPYGCLPTGDRTGLIEVVLRSDTIANIQLNKSNMAATAAFNKDALLNWLKSKNPGEALDRAIEEFTLSCA
GYCVATYVLGIGDRHSDNIMIRESGQLFHIDFGHFLGNFKTKFGINRERVPFILTYDFVHVIQQGKTNNSEKFERFRGYC
ERAYTILRRHGLLFLHLFALMRAAGLPELSCSKDIQYLKDSLALGKTEEEALKHFRVKFNEALRESWKTKVNWLAHNVSK
DNRQ
;
A
2 'polypeptide(L)'
;MYQQDQVVKEDNIEAVGKKLHEYNTQFQEKSREYDRLYEDYTRTSQEIQMKRTAIEAFNETIKIFEEQCQTQERYSKEYI
EKFKREGNETEIQRIMHNYEKLKSRISEIVDSRRRLEEDLKKQAAEYREIDKRMNSIKPDLIQLRKTRDQYLMWLTQKGV
RQKKLNEWLGNSRACSLEACGTKLVEKY
;
B
#
loop_
_chem_comp.id
_chem_comp.type
_chem_comp.name
_chem_comp.formula
M5D non-polymer 5-{(3R)-3-methyl-4-[(1R,2R)-2-methylcyclopropane-1-carbonyl]piperazin-1-yl}-3-(1-methyl-1H-pyrazol-4-yl)pyrazine-2-carbonitrile 'C19 H23 N7 O'
#
# COMPACT_ATOMS: atom_id res chain seq x y z
N ASN A 17 3.77 33.65 13.14
CA ASN A 17 4.52 34.75 12.43
C ASN A 17 4.31 34.71 10.92
N GLN A 18 4.15 35.89 10.32
CA GLN A 18 3.83 36.02 8.90
C GLN A 18 5.07 35.86 8.00
N SER A 19 6.05 36.74 8.20
CA SER A 19 7.20 36.87 7.29
C SER A 19 8.44 36.06 7.72
N VAL A 20 9.25 35.68 6.74
CA VAL A 20 10.49 34.93 6.93
C VAL A 20 11.62 35.61 6.15
N VAL A 21 12.82 35.63 6.74
CA VAL A 21 14.00 36.20 6.05
C VAL A 21 14.52 35.15 5.08
N VAL A 22 14.65 35.54 3.81
CA VAL A 22 15.14 34.67 2.75
C VAL A 22 16.53 35.12 2.31
N ASP A 23 17.44 34.15 2.18
CA ASP A 23 18.78 34.37 1.62
C ASP A 23 18.67 34.29 0.10
N PHE A 24 19.24 35.28 -0.60
CA PHE A 24 19.22 35.33 -2.06
C PHE A 24 20.62 35.34 -2.65
N LEU A 25 20.94 34.31 -3.42
CA LEU A 25 22.25 34.16 -4.04
C LEU A 25 22.14 34.57 -5.50
N LEU A 26 22.69 35.75 -5.81
CA LEU A 26 22.69 36.28 -7.18
C LEU A 26 23.86 35.66 -7.97
N PRO A 27 23.71 35.53 -9.30
CA PRO A 27 24.69 34.81 -10.14
C PRO A 27 26.04 35.52 -10.32
N THR A 28 26.11 36.79 -9.92
CA THR A 28 27.37 37.54 -9.84
C THR A 28 28.15 37.27 -8.54
N GLY A 29 27.64 36.41 -7.66
CA GLY A 29 28.27 36.12 -6.37
C GLY A 29 27.73 36.97 -5.23
N VAL A 30 26.88 37.95 -5.55
CA VAL A 30 26.35 38.89 -4.57
C VAL A 30 25.27 38.20 -3.72
N TYR A 31 25.19 38.63 -2.48
CA TYR A 31 24.35 38.02 -1.47
C TYR A 31 23.42 39.07 -0.86
N LEU A 32 22.11 38.83 -1.00
CA LEU A 32 21.07 39.66 -0.38
C LEU A 32 20.27 38.81 0.61
N ASN A 33 19.95 39.43 1.74
CA ASN A 33 19.17 38.81 2.80
C ASN A 33 18.07 39.80 3.18
N PHE A 34 16.81 39.51 2.81
CA PHE A 34 15.68 40.35 3.24
C PHE A 34 14.39 39.55 3.49
N PRO A 35 13.45 40.10 4.32
CA PRO A 35 12.22 39.35 4.64
C PRO A 35 11.12 39.45 3.59
N VAL A 36 10.42 38.33 3.37
CA VAL A 36 9.22 38.27 2.51
C VAL A 36 8.15 37.48 3.25
N SER A 37 6.93 37.54 2.75
CA SER A 37 5.80 36.85 3.37
C SER A 37 5.76 35.40 2.90
N ARG A 38 5.39 34.50 3.80
CA ARG A 38 5.25 33.07 3.48
C ARG A 38 4.27 32.84 2.32
N ASN A 39 3.16 33.60 2.33
CA ASN A 39 2.14 33.52 1.27
C ASN A 39 2.57 34.02 -0.12
N ALA A 40 3.63 34.82 -0.20
CA ALA A 40 4.03 35.46 -1.45
C ALA A 40 4.48 34.43 -2.47
N ASN A 41 3.89 34.47 -3.66
CA ASN A 41 4.33 33.64 -4.79
C ASN A 41 5.71 34.05 -5.29
N LEU A 42 6.38 33.13 -5.99
CA LEU A 42 7.77 33.35 -6.40
C LEU A 42 7.90 34.50 -7.41
N SER A 43 6.95 34.59 -8.34
CA SER A 43 6.87 35.74 -9.27
C SER A 43 7.01 37.09 -8.56
N THR A 44 6.21 37.28 -7.51
CA THR A 44 6.28 38.47 -6.66
C THR A 44 7.64 38.64 -5.96
N ILE A 45 8.18 37.58 -5.38
CA ILE A 45 9.49 37.62 -4.69
C ILE A 45 10.63 38.01 -5.65
N LYS A 46 10.56 37.58 -6.90
CA LYS A 46 11.54 37.98 -7.90
C LYS A 46 11.50 39.50 -8.15
N GLN A 47 10.30 40.08 -8.15
CA GLN A 47 10.15 41.54 -8.30
C GLN A 47 10.78 42.28 -7.11
N LEU A 48 10.45 41.85 -5.90
CA LEU A 48 11.01 42.45 -4.67
C LEU A 48 12.53 42.34 -4.66
N LEU A 49 13.02 41.16 -5.03
CA LEU A 49 14.46 40.90 -5.15
C LEU A 49 15.13 41.90 -6.09
N TRP A 50 14.62 41.95 -7.32
CA TRP A 50 15.17 42.87 -8.33
C TRP A 50 15.18 44.32 -7.84
N HIS A 51 14.13 44.72 -7.14
CA HIS A 51 14.04 46.08 -6.59
C HIS A 51 15.12 46.39 -5.55
N ARG A 52 15.49 45.40 -4.74
CA ARG A 52 16.56 45.55 -3.75
C ARG A 52 17.95 45.39 -4.37
N ALA A 53 18.05 44.49 -5.35
CA ALA A 53 19.31 44.21 -6.06
C ALA A 53 19.87 45.41 -6.81
N GLN A 54 19.00 46.30 -7.28
CA GLN A 54 19.45 47.51 -8.01
C GLN A 54 20.31 48.42 -7.13
N TYR A 55 20.08 48.38 -5.82
CA TYR A 55 20.90 49.10 -4.86
C TYR A 55 22.03 48.26 -4.21
N GLU A 56 22.44 47.18 -4.90
CA GLU A 56 23.57 46.33 -4.50
C GLU A 56 24.57 46.24 -5.66
N PRO A 57 25.84 45.91 -5.37
CA PRO A 57 26.85 45.94 -6.44
C PRO A 57 26.66 44.91 -7.54
N LEU A 58 27.28 45.20 -8.69
CA LEU A 58 27.29 44.32 -9.86
C LEU A 58 25.88 44.06 -10.46
N PHE A 59 24.95 44.98 -10.22
CA PHE A 59 23.57 44.85 -10.73
C PHE A 59 23.48 45.01 -12.24
N HIS A 60 24.25 45.96 -12.76
CA HIS A 60 24.25 46.28 -14.19
C HIS A 60 24.62 45.08 -15.08
N MET A 61 25.30 44.09 -14.50
CA MET A 61 25.74 42.90 -15.23
C MET A 61 24.70 41.78 -15.31
N LEU A 62 23.68 41.81 -14.46
CA LEU A 62 22.59 40.83 -14.53
C LEU A 62 21.73 41.02 -15.78
N SER A 63 21.12 39.93 -16.24
CA SER A 63 20.07 40.00 -17.25
C SER A 63 18.74 40.33 -16.56
N GLY A 64 17.66 40.41 -17.34
CA GLY A 64 16.33 40.68 -16.81
C GLY A 64 15.78 39.51 -15.97
N PRO A 65 14.74 39.77 -15.13
CA PRO A 65 14.18 38.77 -14.21
C PRO A 65 13.84 37.43 -14.86
N GLU A 66 13.25 37.51 -16.04
CA GLU A 66 12.76 36.34 -16.78
C GLU A 66 13.87 35.49 -17.42
N ALA A 67 15.12 35.97 -17.37
CA ALA A 67 16.27 35.15 -17.78
C ALA A 67 16.65 34.08 -16.76
N TYR A 68 16.16 34.22 -15.51
CA TYR A 68 16.56 33.34 -14.42
C TYR A 68 15.41 32.56 -13.78
N VAL A 69 15.76 31.44 -13.14
CA VAL A 69 14.85 30.62 -12.35
C VAL A 69 15.38 30.57 -10.93
N PHE A 70 14.49 30.62 -9.95
CA PHE A 70 14.86 30.34 -8.58
C PHE A 70 15.23 28.86 -8.41
N THR A 71 16.11 28.61 -7.45
CA THR A 71 16.56 27.26 -7.09
C THR A 71 16.64 27.17 -5.58
N CYS A 72 16.16 26.06 -5.02
CA CYS A 72 16.22 25.81 -3.58
C CYS A 72 16.50 24.34 -3.32
N ILE A 73 16.89 24.03 -2.08
CA ILE A 73 16.99 22.65 -1.59
C ILE A 73 15.61 22.29 -1.01
N ASN A 74 14.92 21.33 -1.62
CA ASN A 74 13.56 21.00 -1.21
C ASN A 74 13.55 20.12 0.05
N GLN A 75 12.37 19.68 0.46
CA GLN A 75 12.21 19.00 1.75
C GLN A 75 12.89 17.62 1.77
N THR A 76 13.01 16.99 0.60
CA THR A 76 13.72 15.71 0.43
C THR A 76 15.20 15.88 0.03
N ALA A 77 15.80 17.03 0.34
CA ALA A 77 17.24 17.31 0.21
C ALA A 77 17.77 17.45 -1.22
N GLU A 78 16.87 17.57 -2.20
CA GLU A 78 17.27 17.71 -3.59
C GLU A 78 17.20 19.15 -4.03
N GLN A 79 18.05 19.53 -4.97
CA GLN A 79 17.93 20.82 -5.63
C GLN A 79 16.70 20.79 -6.53
N GLN A 80 16.01 21.93 -6.59
CA GLN A 80 14.77 22.04 -7.35
C GLN A 80 14.76 23.35 -8.10
N GLU A 81 14.72 23.28 -9.43
CA GLU A 81 14.53 24.46 -10.26
C GLU A 81 13.04 24.80 -10.20
N LEU A 82 12.72 25.97 -9.62
CA LEU A 82 11.34 26.39 -9.41
C LEU A 82 10.78 27.10 -10.65
N GLU A 83 10.30 26.30 -11.60
CA GLU A 83 9.86 26.80 -12.90
C GLU A 83 8.49 27.47 -12.82
N ASP A 84 7.57 26.86 -12.08
CA ASP A 84 6.24 27.45 -11.87
C ASP A 84 6.35 28.51 -10.78
N GLU A 85 6.36 29.77 -11.21
CA GLU A 85 6.55 30.91 -10.29
C GLU A 85 5.25 31.46 -9.73
N GLN A 86 4.12 30.83 -10.08
CA GLN A 86 2.83 31.11 -9.44
C GLN A 86 2.63 30.37 -8.10
N ARG A 87 3.64 29.60 -7.66
CA ARG A 87 3.55 28.85 -6.42
C ARG A 87 4.03 29.67 -5.24
N ARG A 88 3.34 29.53 -4.11
CA ARG A 88 3.67 30.27 -2.89
C ARG A 88 4.88 29.67 -2.22
N LEU A 89 5.72 30.51 -1.61
CA LEU A 89 6.90 30.06 -0.87
C LEU A 89 6.60 29.02 0.21
N CYS A 90 5.42 29.11 0.84
CA CYS A 90 5.03 28.12 1.85
C CYS A 90 4.65 26.75 1.27
N ASP A 91 4.16 26.76 0.03
CA ASP A 91 3.88 25.53 -0.72
C ASP A 91 5.15 24.93 -1.35
N VAL A 92 6.09 25.78 -1.75
CA VAL A 92 7.37 25.32 -2.29
C VAL A 92 8.10 24.61 -1.16
N GLN A 93 8.10 25.27 -0.01
CA GLN A 93 8.46 24.65 1.25
C GLN A 93 9.91 24.18 1.20
N PRO A 94 10.85 25.12 1.07
CA PRO A 94 12.26 24.75 0.98
C PRO A 94 12.78 24.32 2.34
N PHE A 95 14.02 23.83 2.37
CA PHE A 95 14.60 23.34 3.61
C PHE A 95 14.96 24.52 4.50
N LEU A 96 15.87 25.35 4.02
CA LEU A 96 16.15 26.65 4.61
C LEU A 96 15.69 27.69 3.59
N PRO A 97 15.29 28.89 4.06
CA PRO A 97 14.80 29.90 3.14
C PRO A 97 15.97 30.52 2.36
N VAL A 98 16.38 29.78 1.32
CA VAL A 98 17.55 30.10 0.50
C VAL A 98 17.12 29.91 -0.94
N LEU A 99 17.22 30.98 -1.73
CA LEU A 99 16.86 30.93 -3.15
C LEU A 99 18.05 31.37 -4.01
N ARG A 100 18.43 30.51 -4.97
CA ARG A 100 19.54 30.77 -5.89
C ARG A 100 19.00 31.00 -7.29
N LEU A 101 19.60 31.95 -8.00
CA LEU A 101 19.23 32.24 -9.38
C LEU A 101 20.20 31.55 -10.31
N VAL A 102 19.65 30.81 -11.28
CA VAL A 102 20.43 30.15 -12.30
C VAL A 102 19.75 30.40 -13.64
N ALA A 103 20.35 29.95 -14.73
CA ALA A 103 19.81 30.17 -16.07
C ALA A 103 18.62 29.25 -16.36
N ARG A 104 17.65 29.76 -17.12
CA ARG A 104 16.49 28.96 -17.58
C ARG A 104 16.88 27.78 -18.46
N GLU A 105 17.77 28.02 -19.42
CA GLU A 105 18.13 27.02 -20.44
C GLU A 105 18.77 25.75 -19.87
N GLY A 106 18.76 24.71 -20.69
CA GLY A 106 18.97 23.32 -20.28
C GLY A 106 17.65 22.62 -20.49
N ASP A 107 17.69 21.31 -20.76
CA ASP A 107 16.47 20.52 -20.90
C ASP A 107 15.76 20.41 -19.55
N ARG A 108 14.91 21.40 -19.27
CA ARG A 108 14.22 21.48 -17.97
C ARG A 108 12.86 20.75 -17.90
N VAL A 109 12.52 19.98 -18.94
CA VAL A 109 11.40 19.03 -18.89
C VAL A 109 11.80 17.82 -18.05
N LYS A 110 12.99 17.27 -18.33
CA LYS A 110 13.59 16.21 -17.52
C LYS A 110 13.76 16.63 -16.05
N LYS A 111 14.30 17.83 -15.85
CA LYS A 111 14.52 18.41 -14.52
C LYS A 111 13.22 18.58 -13.72
N LEU A 112 12.21 19.16 -14.36
CA LEU A 112 10.89 19.36 -13.73
C LEU A 112 10.27 18.06 -13.22
N ILE A 113 10.24 17.04 -14.07
CA ILE A 113 9.60 15.75 -13.76
C ILE A 113 10.37 15.03 -12.64
N ASN A 114 11.70 15.10 -12.68
CA ASN A 114 12.52 14.43 -11.66
C ASN A 114 12.29 15.01 -10.28
N SER A 115 12.20 16.34 -10.20
CA SER A 115 11.82 17.04 -8.98
C SER A 115 10.42 16.66 -8.51
N GLN A 116 9.45 16.78 -9.42
CA GLN A 116 8.04 16.48 -9.13
C GLN A 116 7.79 15.03 -8.72
N ILE A 117 8.57 14.09 -9.26
CA ILE A 117 8.51 12.68 -8.82
C ILE A 117 8.98 12.52 -7.37
N SER A 118 10.08 13.18 -7.02
CA SER A 118 10.66 13.08 -5.67
C SER A 118 9.71 13.51 -4.55
N LEU A 119 9.00 14.61 -4.77
CA LEU A 119 8.00 15.10 -3.83
C LEU A 119 6.75 14.22 -3.81
N LEU A 120 6.36 13.74 -4.98
CA LEU A 120 5.15 12.94 -5.15
C LEU A 120 5.23 11.58 -4.45
N ILE A 121 6.32 10.85 -4.65
CA ILE A 121 6.45 9.49 -4.10
C ILE A 121 6.97 9.45 -2.66
N GLY A 122 7.43 10.58 -2.14
CA GLY A 122 7.97 10.65 -0.77
C GLY A 122 9.49 10.61 -0.79
N LYS A 123 10.05 9.48 -1.22
CA LYS A 123 11.51 9.30 -1.33
C LYS A 123 12.12 10.07 -2.52
N GLY A 124 13.17 10.85 -2.25
CA GLY A 124 13.85 11.64 -3.28
C GLY A 124 14.76 10.77 -4.14
N LEU A 125 14.76 11.02 -5.44
CA LEU A 125 15.43 10.14 -6.43
C LEU A 125 16.95 9.96 -6.24
N HIS A 126 17.60 10.96 -5.65
CA HIS A 126 19.03 10.87 -5.29
C HIS A 126 19.34 9.67 -4.37
N GLU A 127 18.39 9.31 -3.52
CA GLU A 127 18.55 8.17 -2.62
C GLU A 127 18.67 6.83 -3.34
N PHE A 128 18.16 6.73 -4.56
CA PHE A 128 18.42 5.55 -5.42
C PHE A 128 19.85 5.55 -5.97
N ASP A 129 20.29 6.70 -6.49
CA ASP A 129 21.67 6.87 -6.99
C ASP A 129 22.69 6.54 -5.89
N SER A 130 22.52 7.17 -4.73
CA SER A 130 23.39 7.00 -3.55
C SER A 130 23.74 5.57 -3.17
N LEU A 131 22.81 4.63 -3.42
CA LEU A 131 23.02 3.22 -3.07
C LEU A 131 24.18 2.52 -3.81
N CYS A 132 24.57 3.05 -4.98
CA CYS A 132 25.63 2.47 -5.80
C CYS A 132 25.35 1.00 -6.06
N ASP A 133 24.16 0.72 -6.57
CA ASP A 133 23.69 -0.64 -6.83
C ASP A 133 23.31 -0.74 -8.32
N PRO A 134 23.95 -1.69 -9.07
CA PRO A 134 23.57 -1.95 -10.47
C PRO A 134 22.11 -2.37 -10.66
N GLU A 135 21.60 -3.27 -9.80
CA GLU A 135 20.22 -3.76 -9.88
C GLU A 135 19.22 -2.61 -9.95
N VAL A 136 19.43 -1.65 -9.06
CA VAL A 136 18.61 -0.45 -9.01
C VAL A 136 18.75 0.30 -10.33
N ASN A 137 20.00 0.60 -10.71
CA ASN A 137 20.30 1.39 -11.92
C ASN A 137 19.73 0.81 -13.21
N ASP A 138 19.80 -0.51 -13.35
CA ASP A 138 19.29 -1.20 -14.53
C ASP A 138 17.77 -1.28 -14.51
N PHE A 139 17.17 -1.43 -13.33
CA PHE A 139 15.72 -1.36 -13.19
C PHE A 139 15.24 0.02 -13.63
N ARG A 140 15.83 1.05 -13.01
CA ARG A 140 15.51 2.45 -13.33
C ARG A 140 15.69 2.77 -14.81
N ALA A 141 16.70 2.19 -15.44
CA ALA A 141 16.96 2.44 -16.87
C ALA A 141 15.92 1.77 -17.75
N LYS A 142 15.70 0.48 -17.53
CA LYS A 142 14.83 -0.35 -18.36
C LYS A 142 13.36 0.03 -18.21
N MET A 143 12.93 0.19 -16.97
CA MET A 143 11.52 0.46 -16.68
C MET A 143 11.10 1.87 -17.06
N CYS A 144 11.98 2.84 -16.86
CA CYS A 144 11.70 4.21 -17.25
C CYS A 144 11.69 4.37 -18.77
N GLN A 145 12.56 3.64 -19.48
CA GLN A 145 12.52 3.65 -20.95
C GLN A 145 11.20 3.03 -21.44
N PHE A 146 10.89 1.85 -20.92
CA PHE A 146 9.60 1.18 -21.16
C PHE A 146 8.38 2.09 -20.95
N CYS A 147 8.31 2.73 -19.78
CA CYS A 147 7.18 3.60 -19.44
C CYS A 147 7.12 4.84 -20.32
N GLU A 148 8.26 5.51 -20.52
CA GLU A 148 8.34 6.70 -21.39
C GLU A 148 7.91 6.38 -22.81
N GLU A 149 8.32 5.21 -23.30
CA GLU A 149 7.94 4.73 -24.64
C GLU A 149 6.43 4.55 -24.81
N ALA A 150 5.80 3.87 -23.86
CA ALA A 150 4.34 3.66 -23.89
C ALA A 150 3.53 4.96 -23.85
N ALA A 151 4.01 5.95 -23.09
CA ALA A 151 3.41 7.28 -23.04
C ALA A 151 3.55 8.03 -24.36
N ALA A 152 4.72 7.95 -24.98
CA ALA A 152 4.92 8.50 -26.33
C ALA A 152 3.99 7.84 -27.35
N ARG A 153 3.86 6.51 -27.24
CA ARG A 153 2.96 5.73 -28.08
C ARG A 153 1.49 6.10 -27.86
N ARG A 154 1.10 6.24 -26.59
CA ARG A 154 -0.25 6.71 -26.21
C ARG A 154 -0.66 8.01 -26.88
N GLN A 155 0.29 8.94 -27.02
CA GLN A 155 -0.02 10.30 -27.48
C GLN A 155 -0.40 10.36 -28.96
N GLN A 156 0.27 9.54 -29.78
CA GLN A 156 0.02 9.49 -31.23
C GLN A 156 -1.35 8.93 -31.61
N LEU A 157 -1.91 8.06 -30.76
CA LEU A 157 -3.18 7.37 -31.03
C LEU A 157 -4.38 8.32 -30.95
N GLY A 158 -5.51 7.86 -31.49
CA GLY A 158 -6.72 8.67 -31.63
C GLY A 158 -7.41 9.08 -30.34
N TRP A 159 -8.33 10.03 -30.46
CA TRP A 159 -9.12 10.53 -29.31
C TRP A 159 -10.01 9.45 -28.69
N GLU A 160 -10.50 8.51 -29.50
CA GLU A 160 -11.33 7.40 -29.03
C GLU A 160 -10.54 6.51 -28.08
N ALA A 161 -9.36 6.09 -28.54
CA ALA A 161 -8.45 5.26 -27.76
C ALA A 161 -7.91 6.00 -26.54
N TRP A 162 -7.66 7.29 -26.68
CA TRP A 162 -7.25 8.10 -25.52
C TRP A 162 -8.34 8.21 -24.46
N LEU A 163 -9.59 8.36 -24.90
CA LEU A 163 -10.74 8.38 -24.00
C LEU A 163 -10.89 7.06 -23.25
N GLN A 164 -10.56 5.96 -23.93
CA GLN A 164 -10.55 4.63 -23.32
C GLN A 164 -9.49 4.54 -22.23
N TYR A 165 -8.32 5.10 -22.50
CA TYR A 165 -7.23 5.18 -21.53
C TYR A 165 -7.65 6.02 -20.32
N SER A 166 -8.06 7.26 -20.59
CA SER A 166 -8.26 8.24 -19.53
C SER A 166 -9.52 8.00 -18.70
N PHE A 167 -10.64 7.72 -19.37
CA PHE A 167 -11.94 7.60 -18.73
C PHE A 167 -12.61 6.28 -19.12
N PRO A 168 -12.04 5.15 -18.66
CA PRO A 168 -12.56 3.84 -19.02
C PRO A 168 -13.95 3.63 -18.47
N LEU A 169 -14.73 2.82 -19.16
CA LEU A 169 -16.17 2.71 -18.90
C LEU A 169 -16.44 2.13 -17.53
N GLN A 170 -17.44 2.72 -16.85
CA GLN A 170 -17.93 2.24 -15.56
C GLN A 170 -19.27 1.57 -15.82
N LEU A 171 -19.24 0.24 -15.92
CA LEU A 171 -20.41 -0.56 -16.25
C LEU A 171 -20.86 -1.43 -15.09
N GLU A 172 -22.09 -1.92 -15.19
CA GLU A 172 -22.72 -2.77 -14.20
C GLU A 172 -22.54 -4.21 -14.64
N PRO A 173 -22.24 -5.14 -13.70
CA PRO A 173 -22.15 -6.55 -14.09
C PRO A 173 -23.54 -7.19 -14.26
N ARG A 188 -38.71 -0.85 -21.08
CA ARG A 188 -38.71 0.28 -20.15
C ARG A 188 -38.05 1.52 -20.76
N ALA A 189 -38.49 2.70 -20.29
CA ALA A 189 -38.01 3.97 -20.85
C ALA A 189 -38.28 5.15 -19.91
N LEU A 190 -37.30 6.07 -19.82
CA LEU A 190 -37.45 7.34 -19.10
C LEU A 190 -36.74 8.48 -19.84
N LEU A 191 -37.03 9.70 -19.42
CA LEU A 191 -36.49 10.92 -20.06
C LEU A 191 -35.02 11.13 -19.69
N VAL A 192 -34.31 11.91 -20.51
CA VAL A 192 -32.90 12.24 -20.30
C VAL A 192 -32.60 13.68 -20.72
N ASN A 193 -31.91 14.42 -19.85
CA ASN A 193 -31.57 15.82 -20.10
C ASN A 193 -30.22 15.93 -20.79
N VAL A 194 -30.26 16.30 -22.07
CA VAL A 194 -29.05 16.42 -22.90
C VAL A 194 -28.77 17.89 -23.22
N LYS A 195 -27.49 18.22 -23.36
CA LYS A 195 -27.06 19.54 -23.82
C LYS A 195 -25.68 19.44 -24.49
N PHE A 196 -25.16 20.58 -24.95
CA PHE A 196 -23.82 20.69 -25.51
C PHE A 196 -22.98 21.61 -24.63
N GLU A 197 -21.68 21.60 -24.86
CA GLU A 197 -20.74 22.35 -24.03
C GLU A 197 -20.77 23.84 -24.42
N GLY A 198 -20.78 24.71 -23.42
CA GLY A 198 -20.84 26.15 -23.63
C GLY A 198 -22.19 26.63 -24.13
N SER A 199 -23.25 26.19 -23.46
CA SER A 199 -24.64 26.49 -23.88
C SER A 199 -25.62 26.39 -22.71
N GLU A 200 -26.44 27.43 -22.54
CA GLU A 200 -27.44 27.50 -21.47
C GLU A 200 -28.61 26.51 -21.69
N GLU A 201 -29.08 26.42 -22.94
CA GLU A 201 -30.23 25.57 -23.27
C GLU A 201 -29.92 24.08 -23.16
N SER A 202 -30.94 23.29 -22.81
CA SER A 202 -30.84 21.85 -22.63
C SER A 202 -32.08 21.13 -23.18
N PHE A 203 -31.85 20.06 -23.94
CA PHE A 203 -32.91 19.32 -24.64
C PHE A 203 -33.27 18.05 -23.87
N THR A 204 -34.52 17.98 -23.39
CA THR A 204 -35.05 16.78 -22.71
C THR A 204 -35.93 15.97 -23.67
N PHE A 205 -35.81 14.65 -23.62
CA PHE A 205 -36.59 13.75 -24.49
C PHE A 205 -36.55 12.29 -24.01
N GLN A 206 -37.56 11.52 -24.41
CA GLN A 206 -37.70 10.12 -23.98
C GLN A 206 -36.80 9.18 -24.79
N VAL A 207 -36.18 8.22 -24.09
CA VAL A 207 -35.38 7.15 -24.70
C VAL A 207 -35.48 5.87 -23.86
N SER A 208 -35.23 4.72 -24.50
CA SER A 208 -35.36 3.42 -23.84
C SER A 208 -34.07 2.99 -23.13
N THR A 209 -34.17 1.92 -22.35
CA THR A 209 -33.04 1.34 -21.65
C THR A 209 -32.03 0.69 -22.61
N LYS A 210 -32.54 -0.07 -23.58
CA LYS A 210 -31.70 -0.83 -24.52
C LYS A 210 -31.07 -0.03 -25.66
N ASP A 211 -31.33 1.29 -25.73
CA ASP A 211 -30.66 2.18 -26.69
C ASP A 211 -29.15 2.27 -26.44
N VAL A 212 -28.35 1.95 -27.46
CA VAL A 212 -26.89 2.16 -27.43
C VAL A 212 -26.58 3.67 -27.44
N PRO A 213 -25.39 4.10 -26.97
CA PRO A 213 -25.14 5.53 -26.76
C PRO A 213 -25.17 6.39 -28.04
N LEU A 214 -24.58 5.87 -29.11
CA LEU A 214 -24.56 6.55 -30.41
C LEU A 214 -25.96 6.90 -30.94
N ALA A 215 -26.92 6.00 -30.74
CA ALA A 215 -28.32 6.24 -31.13
C ALA A 215 -28.92 7.47 -30.47
N LEU A 216 -28.57 7.69 -29.20
CA LEU A 216 -29.01 8.87 -28.45
C LEU A 216 -28.41 10.16 -28.98
N MET A 217 -27.13 10.10 -29.37
CA MET A 217 -26.43 11.26 -29.96
C MET A 217 -27.08 11.69 -31.28
N ALA A 218 -27.49 10.72 -32.09
CA ALA A 218 -28.24 10.98 -33.33
C ALA A 218 -29.55 11.72 -33.04
N CYS A 219 -30.26 11.27 -32.01
CA CYS A 219 -31.49 11.94 -31.54
C CYS A 219 -31.19 13.33 -30.95
N ALA A 220 -30.05 13.46 -30.28
CA ALA A 220 -29.59 14.76 -29.75
C ALA A 220 -29.24 15.77 -30.86
N LEU A 221 -28.75 15.28 -32.00
CA LEU A 221 -28.53 16.11 -33.19
C LEU A 221 -29.88 16.46 -33.82
N ARG A 222 -30.53 17.45 -33.21
CA ARG A 222 -31.89 17.85 -33.56
C ARG A 222 -31.99 19.35 -33.26
N LYS A 223 -31.75 20.16 -34.29
CA LYS A 223 -31.64 21.62 -34.16
C LYS A 223 -32.32 22.33 -35.33
N PRO A 236 -22.36 12.87 -35.35
CA PRO A 236 -22.73 11.87 -34.34
C PRO A 236 -21.52 11.08 -33.81
N GLU A 237 -20.68 10.60 -34.74
CA GLU A 237 -19.50 9.79 -34.40
C GLU A 237 -18.25 10.65 -34.14
N ASP A 238 -18.39 11.98 -34.22
CA ASP A 238 -17.34 12.91 -33.77
C ASP A 238 -17.74 13.53 -32.43
N TYR A 239 -18.26 12.68 -31.54
CA TYR A 239 -18.83 13.11 -30.26
C TYR A 239 -18.80 11.99 -29.22
N THR A 240 -18.94 12.37 -27.96
CA THR A 240 -19.18 11.41 -26.87
C THR A 240 -19.90 12.12 -25.72
N LEU A 241 -20.76 11.39 -25.02
CA LEU A 241 -21.53 11.94 -23.90
C LEU A 241 -20.71 11.93 -22.61
N GLN A 242 -20.95 12.94 -21.76
CA GLN A 242 -20.30 13.09 -20.47
C GLN A 242 -21.38 13.28 -19.41
N VAL A 243 -21.22 12.61 -18.27
CA VAL A 243 -22.07 12.87 -17.10
C VAL A 243 -21.51 14.15 -16.50
N ASN A 244 -22.18 15.27 -16.73
CA ASN A 244 -21.65 16.58 -16.30
C ASN A 244 -21.50 16.70 -14.77
N GLY A 245 -20.46 17.44 -14.36
CA GLY A 245 -19.98 17.43 -12.98
C GLY A 245 -19.08 16.26 -12.63
N ARG A 246 -18.74 15.44 -13.63
CA ARG A 246 -17.96 14.20 -13.43
C ARG A 246 -17.14 13.86 -14.68
N HIS A 247 -16.02 13.18 -14.49
CA HIS A 247 -15.24 12.61 -15.58
C HIS A 247 -15.68 11.16 -15.81
N GLU A 248 -16.95 11.00 -16.21
CA GLU A 248 -17.52 9.70 -16.60
C GLU A 248 -18.22 9.90 -17.93
N TYR A 249 -17.90 9.05 -18.90
CA TYR A 249 -18.40 9.18 -20.27
C TYR A 249 -19.11 7.92 -20.73
N LEU A 250 -20.03 8.07 -21.66
CA LEU A 250 -20.84 6.97 -22.19
C LEU A 250 -20.51 6.73 -23.65
N TYR A 251 -19.94 5.56 -23.94
CA TYR A 251 -19.53 5.19 -25.30
C TYR A 251 -19.37 3.68 -25.47
N GLY A 252 -19.23 3.24 -26.72
CA GLY A 252 -19.09 1.82 -27.05
C GLY A 252 -20.45 1.15 -27.23
N SER A 253 -20.42 -0.07 -27.75
CA SER A 253 -21.65 -0.84 -28.00
C SER A 253 -22.14 -1.50 -26.71
N TYR A 254 -22.84 -0.71 -25.89
CA TYR A 254 -23.40 -1.17 -24.62
C TYR A 254 -24.69 -0.37 -24.38
N PRO A 255 -25.80 -1.04 -23.98
CA PRO A 255 -27.03 -0.28 -23.73
C PRO A 255 -26.92 0.68 -22.54
N LEU A 256 -27.83 1.64 -22.47
CA LEU A 256 -27.84 2.64 -21.39
C LEU A 256 -27.96 2.03 -19.98
N CYS A 257 -28.76 0.97 -19.84
CA CYS A 257 -28.94 0.29 -18.55
C CYS A 257 -27.63 -0.27 -17.97
N GLN A 258 -26.70 -0.74 -18.82
CA GLN A 258 -25.42 -1.28 -18.33
C GLN A 258 -24.48 -0.24 -17.73
N PHE A 259 -24.65 1.04 -18.06
CA PHE A 259 -23.86 2.11 -17.46
C PHE A 259 -24.33 2.38 -16.04
N GLN A 260 -23.37 2.57 -15.13
CA GLN A 260 -23.67 2.78 -13.71
C GLN A 260 -24.46 4.05 -13.43
N TYR A 261 -24.14 5.14 -14.12
CA TYR A 261 -24.84 6.41 -13.91
C TYR A 261 -26.33 6.30 -14.24
N ILE A 262 -26.66 5.64 -15.35
CA ILE A 262 -28.04 5.43 -15.75
C ILE A 262 -28.71 4.45 -14.78
N CYS A 263 -28.06 3.30 -14.58
CA CYS A 263 -28.51 2.28 -13.61
C CYS A 263 -28.80 2.87 -12.23
N SER A 264 -27.94 3.80 -11.80
CA SER A 264 -28.10 4.57 -10.56
C SER A 264 -29.34 5.47 -10.59
N CYS A 265 -29.53 6.18 -11.70
CA CYS A 265 -30.68 7.08 -11.90
C CYS A 265 -32.02 6.35 -12.09
N LEU A 266 -32.01 5.20 -12.76
CA LEU A 266 -33.24 4.41 -13.00
C LEU A 266 -33.83 3.85 -11.70
N HIS A 267 -32.99 3.17 -10.93
CA HIS A 267 -33.39 2.56 -9.65
C HIS A 267 -33.93 3.61 -8.67
N SER A 268 -33.29 4.77 -8.64
CA SER A 268 -33.78 5.93 -7.88
C SER A 268 -35.10 6.47 -8.45
N GLY A 269 -35.16 6.56 -9.78
CA GLY A 269 -36.31 7.10 -10.50
C GLY A 269 -36.09 8.56 -10.83
N LEU A 270 -34.93 8.86 -11.41
CA LEU A 270 -34.48 10.24 -11.67
C LEU A 270 -34.04 10.38 -13.13
N THR A 271 -34.08 11.61 -13.62
CA THR A 271 -33.67 11.96 -14.98
C THR A 271 -32.16 12.21 -15.00
N PRO A 272 -31.41 11.51 -15.89
CA PRO A 272 -29.98 11.84 -16.02
C PRO A 272 -29.70 13.19 -16.70
N HIS A 273 -28.54 13.77 -16.39
CA HIS A 273 -28.06 15.01 -16.99
C HIS A 273 -26.76 14.75 -17.69
N LEU A 274 -26.68 15.15 -18.97
CA LEU A 274 -25.55 14.85 -19.84
C LEU A 274 -25.13 16.06 -20.64
N THR A 275 -23.88 16.02 -21.13
CA THR A 275 -23.31 17.01 -22.03
C THR A 275 -22.74 16.27 -23.24
N MET A 276 -22.94 16.85 -24.43
CA MET A 276 -22.31 16.38 -25.67
C MET A 276 -21.00 17.14 -25.86
N VAL A 277 -19.94 16.43 -26.23
CA VAL A 277 -18.59 16.99 -26.34
C VAL A 277 -17.94 16.51 -27.64
N HIS A 278 -17.30 17.44 -28.35
CA HIS A 278 -16.73 17.19 -29.68
C HIS A 278 -15.36 16.48 -29.59
N SER A 279 -15.02 15.71 -30.61
CA SER A 279 -13.70 15.07 -30.72
C SER A 279 -12.51 16.03 -30.62
N SER A 280 -12.68 17.24 -31.14
CA SER A 280 -11.70 18.31 -31.02
C SER A 280 -11.43 18.71 -29.56
N SER A 281 -12.49 18.71 -28.75
CA SER A 281 -12.41 19.07 -27.33
C SER A 281 -11.67 18.04 -26.47
N ILE A 282 -11.73 16.76 -26.85
CA ILE A 282 -10.98 15.69 -26.18
C ILE A 282 -9.47 15.78 -26.49
N LEU A 283 -9.13 16.21 -27.70
CA LEU A 283 -7.73 16.48 -28.05
C LEU A 283 -7.13 17.59 -27.20
N ALA A 284 -7.95 18.58 -26.83
CA ALA A 284 -7.55 19.62 -25.85
C ALA A 284 -7.22 19.02 -24.48
N MET A 285 -8.04 18.07 -24.03
CA MET A 285 -7.72 17.24 -22.85
C MET A 285 -6.44 16.44 -23.05
N ARG A 286 -6.36 15.75 -24.20
CA ARG A 286 -5.26 14.82 -24.51
C ARG A 286 -3.85 15.43 -24.47
N ASP A 287 -3.73 16.74 -24.75
CA ASP A 287 -2.44 17.41 -24.79
C ASP A 287 -2.06 18.04 -23.44
N GLU A 288 -2.79 19.07 -23.03
CA GLU A 288 -2.61 19.71 -21.73
C GLU A 288 -3.91 20.34 -21.24
N SER A 313 31.88 -18.42 -18.06
CA SER A 313 31.86 -19.40 -19.15
C SER A 313 32.15 -20.85 -18.69
N VAL A 314 31.95 -21.13 -17.38
CA VAL A 314 32.06 -22.48 -16.82
C VAL A 314 30.72 -22.81 -16.16
N SER A 315 30.18 -24.00 -16.43
CA SER A 315 28.84 -24.39 -15.97
C SER A 315 28.82 -24.71 -14.47
N LEU A 316 27.71 -24.37 -13.80
CA LEU A 316 27.55 -24.58 -12.36
C LEU A 316 27.43 -26.06 -11.96
N TRP A 317 26.92 -26.89 -12.87
CA TRP A 317 26.72 -28.33 -12.60
C TRP A 317 27.99 -29.20 -12.60
N SER A 318 29.18 -28.57 -12.61
CA SER A 318 30.46 -29.26 -12.42
C SER A 318 31.24 -28.71 -11.20
N LEU A 319 30.51 -28.28 -10.17
CA LEU A 319 31.11 -27.77 -8.93
C LEU A 319 30.60 -28.59 -7.75
N GLU A 320 30.93 -29.89 -7.77
CA GLU A 320 30.53 -30.82 -6.71
C GLU A 320 31.41 -30.65 -5.48
N GLN A 321 31.12 -29.59 -4.72
CA GLN A 321 31.79 -29.30 -3.45
C GLN A 321 30.78 -28.62 -2.54
N PRO A 322 30.64 -29.08 -1.27
CA PRO A 322 29.56 -28.58 -0.42
C PRO A 322 29.60 -27.07 -0.25
N PHE A 323 28.41 -26.46 -0.27
CA PHE A 323 28.28 -25.00 -0.09
C PHE A 323 28.69 -24.61 1.33
N ARG A 324 29.45 -23.52 1.42
CA ARG A 324 29.93 -23.00 2.70
C ARG A 324 30.09 -21.49 2.67
N ILE A 325 30.16 -20.89 3.85
CA ILE A 325 30.35 -19.44 4.03
C ILE A 325 31.22 -19.17 5.25
N GLU A 326 31.92 -18.05 5.23
CA GLU A 326 32.71 -17.59 6.38
C GLU A 326 31.91 -16.54 7.16
N LEU A 327 31.67 -16.83 8.44
CA LEU A 327 30.98 -15.92 9.35
C LEU A 327 32.04 -15.09 10.08
N ILE A 328 32.30 -13.88 9.59
CA ILE A 328 33.41 -13.08 10.10
C ILE A 328 33.05 -12.38 11.40
N GLN A 329 32.13 -11.42 11.32
CA GLN A 329 31.89 -10.47 12.39
C GLN A 329 30.40 -10.18 12.57
N GLY A 330 30.04 -9.76 13.76
CA GLY A 330 28.79 -9.05 14.03
C GLY A 330 29.13 -7.61 14.39
N SER A 331 28.18 -6.72 14.13
CA SER A 331 28.37 -5.28 14.39
C SER A 331 27.09 -4.68 14.96
N LYS A 332 27.25 -3.71 15.86
CA LYS A 332 26.15 -2.95 16.46
C LYS A 332 25.06 -3.84 17.08
N VAL A 333 25.50 -4.84 17.84
CA VAL A 333 24.60 -5.77 18.53
C VAL A 333 24.27 -5.20 19.90
N ASN A 334 23.02 -5.36 20.32
CA ASN A 334 22.52 -4.83 21.60
C ASN A 334 21.83 -5.95 22.39
N ALA A 335 22.57 -6.56 23.32
CA ALA A 335 22.09 -7.71 24.08
C ALA A 335 22.58 -7.69 25.53
N ASP A 336 22.01 -8.57 26.34
CA ASP A 336 22.37 -8.68 27.77
C ASP A 336 23.76 -9.33 27.87
N GLU A 337 24.67 -8.67 28.58
CA GLU A 337 26.09 -9.06 28.61
C GLU A 337 26.38 -10.41 29.28
N ARG A 338 25.54 -10.84 30.21
CA ARG A 338 25.66 -12.16 30.84
C ARG A 338 25.47 -13.31 29.84
N MET A 339 24.57 -13.11 28.87
CA MET A 339 24.26 -14.12 27.85
C MET A 339 25.37 -14.17 26.80
N LYS A 340 25.24 -15.10 25.84
CA LYS A 340 26.23 -15.29 24.77
C LYS A 340 25.54 -15.44 23.41
N LEU A 341 26.19 -14.93 22.35
CA LEU A 341 25.58 -14.83 21.02
C LEU A 341 25.84 -16.05 20.13
N VAL A 342 24.79 -16.46 19.42
CA VAL A 342 24.84 -17.54 18.44
C VAL A 342 24.17 -17.05 17.16
N VAL A 343 24.89 -17.15 16.05
CA VAL A 343 24.32 -16.96 14.71
C VAL A 343 23.86 -18.32 14.23
N GLN A 344 22.54 -18.50 14.12
CA GLN A 344 21.95 -19.67 13.48
C GLN A 344 21.73 -19.37 12.00
N ALA A 345 21.84 -20.38 11.16
CA ALA A 345 21.71 -20.18 9.71
C ALA A 345 21.23 -21.42 8.96
N GLY A 346 20.66 -21.16 7.77
CA GLY A 346 20.09 -22.21 6.93
C GLY A 346 19.73 -21.73 5.54
N LEU A 347 19.73 -22.66 4.59
CA LEU A 347 19.37 -22.40 3.20
C LEU A 347 17.90 -22.78 3.00
N PHE A 348 17.23 -22.05 2.10
CA PHE A 348 15.80 -22.24 1.84
C PHE A 348 15.45 -22.06 0.37
N HIS A 349 14.38 -22.75 -0.06
CA HIS A 349 13.70 -22.46 -1.31
C HIS A 349 12.21 -22.28 -1.00
N GLY A 350 11.76 -21.03 -1.00
CA GLY A 350 10.41 -20.70 -0.58
C GLY A 350 10.29 -20.92 0.91
N ASN A 351 9.38 -21.80 1.31
CA ASN A 351 9.24 -22.21 2.72
C ASN A 351 10.08 -23.43 3.11
N GLU A 352 10.25 -24.38 2.20
CA GLU A 352 10.95 -25.64 2.52
C GLU A 352 12.46 -25.43 2.73
N MET A 353 13.01 -26.20 3.67
CA MET A 353 14.47 -26.25 3.90
C MET A 353 15.14 -27.04 2.79
N LEU A 354 16.27 -26.53 2.33
CA LEU A 354 17.11 -27.22 1.35
C LEU A 354 18.07 -28.20 2.04
N CYS A 355 18.49 -27.86 3.26
CA CYS A 355 19.32 -28.75 4.08
C CYS A 355 19.18 -28.42 5.56
N LYS A 356 19.81 -29.22 6.42
CA LYS A 356 19.80 -28.99 7.88
C LYS A 356 20.52 -27.69 8.26
N THR A 357 20.03 -27.05 9.33
CA THR A 357 20.52 -25.74 9.78
C THR A 357 21.72 -25.90 10.70
N VAL A 358 22.78 -25.13 10.45
CA VAL A 358 24.02 -25.18 11.26
C VAL A 358 24.15 -23.93 12.15
N SER A 359 24.88 -24.08 13.26
CA SER A 359 25.05 -23.00 14.26
C SER A 359 26.52 -22.70 14.58
N SER A 360 26.78 -21.44 14.94
CA SER A 360 28.11 -20.99 15.36
C SER A 360 28.39 -21.36 16.81
N SER A 361 29.61 -21.08 17.26
CA SER A 361 29.99 -21.25 18.65
C SER A 361 29.43 -20.11 19.49
N GLU A 362 29.22 -20.37 20.78
CA GLU A 362 28.58 -19.42 21.70
C GLU A 362 29.58 -18.36 22.16
N VAL A 363 29.81 -17.37 21.30
CA VAL A 363 30.71 -16.24 21.60
C VAL A 363 29.99 -15.29 22.55
N SER A 364 30.74 -14.72 23.50
CA SER A 364 30.14 -13.90 24.56
C SER A 364 29.62 -12.56 24.04
N VAL A 365 28.59 -12.03 24.72
CA VAL A 365 27.91 -10.81 24.29
C VAL A 365 28.82 -9.60 24.43
N CYS A 366 29.16 -9.01 23.30
CA CYS A 366 29.69 -7.64 23.23
C CYS A 366 28.93 -6.93 22.09
N SER A 367 29.33 -5.69 21.79
CA SER A 367 28.75 -4.95 20.66
C SER A 367 29.25 -5.44 19.28
N GLU A 368 30.52 -5.84 19.23
CA GLU A 368 31.21 -6.14 17.97
C GLU A 368 31.77 -7.57 17.96
N PRO A 369 30.89 -8.59 18.08
CA PRO A 369 31.36 -9.97 18.24
C PRO A 369 32.04 -10.49 16.99
N VAL A 370 33.12 -11.28 17.17
CA VAL A 370 33.91 -11.82 16.08
C VAL A 370 33.86 -13.33 16.17
N TRP A 371 33.45 -13.98 15.09
CA TRP A 371 33.37 -15.46 15.02
C TRP A 371 34.49 -16.07 14.19
N LYS A 372 34.58 -15.66 12.93
CA LYS A 372 35.53 -16.23 11.94
C LYS A 372 35.44 -17.76 11.86
N GLN A 373 34.25 -18.24 11.48
CA GLN A 373 33.97 -19.66 11.31
C GLN A 373 33.49 -19.96 9.90
N ARG A 374 34.00 -21.04 9.31
CA ARG A 374 33.35 -21.64 8.14
C ARG A 374 32.06 -22.30 8.62
N LEU A 375 31.05 -22.29 7.75
CA LEU A 375 29.78 -22.96 8.02
C LEU A 375 29.43 -23.86 6.84
N GLU A 376 29.80 -25.12 6.95
CA GLU A 376 29.58 -26.10 5.89
C GLU A 376 28.15 -26.61 5.92
N PHE A 377 27.46 -26.48 4.78
CA PHE A 377 26.09 -26.96 4.63
C PHE A 377 26.06 -28.30 3.89
N ASP A 378 25.02 -29.09 4.14
CA ASP A 378 24.85 -30.41 3.54
C ASP A 378 24.13 -30.32 2.18
N ILE A 379 24.74 -29.56 1.26
CA ILE A 379 24.24 -29.39 -0.09
C ILE A 379 25.40 -28.93 -0.98
N ASN A 380 25.53 -29.55 -2.14
CA ASN A 380 26.58 -29.19 -3.10
C ASN A 380 26.19 -27.93 -3.84
N ILE A 381 27.20 -27.18 -4.31
CA ILE A 381 26.97 -25.92 -5.01
C ILE A 381 26.17 -26.13 -6.30
N CYS A 382 26.37 -27.28 -6.96
CA CYS A 382 25.59 -27.65 -8.15
C CYS A 382 24.09 -27.85 -7.89
N ASP A 383 23.74 -28.31 -6.68
CA ASP A 383 22.33 -28.53 -6.30
C ASP A 383 21.49 -27.25 -6.05
N LEU A 384 22.14 -26.11 -5.83
CA LEU A 384 21.44 -24.87 -5.46
C LEU A 384 20.47 -24.36 -6.54
N PRO A 385 19.16 -24.27 -6.22
CA PRO A 385 18.21 -23.77 -7.22
C PRO A 385 18.36 -22.25 -7.45
N ARG A 386 17.80 -21.75 -8.54
CA ARG A 386 17.95 -20.34 -8.92
C ARG A 386 17.56 -19.38 -7.81
N MET A 387 16.50 -19.70 -7.09
CA MET A 387 16.00 -18.87 -6.00
C MET A 387 16.45 -19.40 -4.65
N ALA A 388 17.74 -19.67 -4.52
CA ALA A 388 18.31 -20.16 -3.27
C ALA A 388 18.44 -18.95 -2.35
N ARG A 389 18.18 -19.21 -1.06
CA ARG A 389 17.95 -18.17 -0.08
C ARG A 389 18.63 -18.56 1.24
N LEU A 390 19.82 -18.01 1.45
CA LEU A 390 20.54 -18.16 2.70
C LEU A 390 19.92 -17.25 3.74
N CYS A 391 19.63 -17.79 4.93
CA CYS A 391 18.92 -17.09 5.98
C CYS A 391 19.68 -17.14 7.30
N PHE A 392 19.81 -15.99 7.94
CA PHE A 392 20.50 -15.86 9.23
C PHE A 392 19.53 -15.46 10.34
N ALA A 393 19.80 -15.94 11.55
CA ALA A 393 19.12 -15.46 12.75
C ALA A 393 20.15 -15.33 13.88
N LEU A 394 20.22 -14.15 14.50
CA LEU A 394 21.11 -13.93 15.63
C LEU A 394 20.33 -14.10 16.92
N TYR A 395 20.87 -14.92 17.82
CA TYR A 395 20.21 -15.31 19.08
C TYR A 395 21.12 -14.97 20.25
N ALA A 396 20.52 -14.78 21.42
CA ALA A 396 21.26 -14.59 22.68
C ALA A 396 20.85 -15.72 23.61
N VAL A 397 21.85 -16.50 24.07
CA VAL A 397 21.63 -17.76 24.79
C VAL A 397 22.25 -17.69 26.19
N ILE A 398 21.66 -18.43 27.12
CA ILE A 398 22.17 -18.55 28.51
C ILE A 398 22.87 -19.91 28.65
N GLU A 399 24.19 -19.89 28.45
CA GLU A 399 25.06 -21.10 28.48
C GLU A 399 24.71 -22.08 27.36
N ASP A 415 15.47 -18.62 25.12
CA ASP A 415 16.26 -18.13 24.00
C ASP A 415 15.64 -16.87 23.40
N CYS A 416 16.46 -15.82 23.28
CA CYS A 416 16.04 -14.53 22.73
C CYS A 416 16.47 -14.42 21.27
N PRO A 417 15.51 -14.35 20.31
CA PRO A 417 15.89 -13.98 18.96
C PRO A 417 16.14 -12.47 18.89
N ILE A 418 17.34 -12.07 18.49
CA ILE A 418 17.74 -10.66 18.44
C ILE A 418 17.33 -10.07 17.11
N ALA A 419 17.81 -10.70 16.04
CA ALA A 419 17.66 -10.18 14.70
C ALA A 419 17.70 -11.31 13.68
N TRP A 420 17.44 -10.95 12.43
CA TRP A 420 17.50 -11.88 11.31
C TRP A 420 17.84 -11.14 10.01
N ALA A 421 18.33 -11.89 9.04
CA ALA A 421 18.62 -11.35 7.72
C ALA A 421 18.69 -12.47 6.71
N ASN A 422 18.11 -12.24 5.52
CA ASN A 422 18.16 -13.18 4.41
C ASN A 422 18.92 -12.63 3.23
N LEU A 423 19.47 -13.54 2.42
CA LEU A 423 20.34 -13.21 1.30
C LEU A 423 20.11 -14.21 0.18
N MET A 424 19.97 -13.69 -1.04
CA MET A 424 19.89 -14.53 -2.24
C MET A 424 21.29 -14.92 -2.68
N LEU A 425 21.51 -16.21 -2.95
CA LEU A 425 22.83 -16.71 -3.37
C LEU A 425 23.22 -16.33 -4.81
N PHE A 426 22.23 -16.24 -5.68
CA PHE A 426 22.42 -15.70 -7.03
C PHE A 426 21.92 -14.26 -7.12
N ASP A 427 22.56 -13.45 -7.97
CA ASP A 427 22.18 -12.06 -8.18
C ASP A 427 21.18 -11.92 -9.34
N TYR A 428 20.74 -10.69 -9.61
CA TYR A 428 19.78 -10.41 -10.69
C TYR A 428 20.25 -10.81 -12.10
N LYS A 429 21.56 -10.85 -12.33
CA LYS A 429 22.14 -11.35 -13.59
C LYS A 429 22.38 -12.88 -13.63
N ASP A 430 21.74 -13.62 -12.71
CA ASP A 430 21.89 -15.08 -12.58
C ASP A 430 23.29 -15.56 -12.13
N GLN A 431 24.12 -14.64 -11.65
CA GLN A 431 25.51 -14.95 -11.28
C GLN A 431 25.57 -15.36 -9.82
N LEU A 432 26.28 -16.44 -9.53
CA LEU A 432 26.50 -16.89 -8.15
C LEU A 432 27.41 -15.88 -7.47
N LYS A 433 26.89 -15.24 -6.42
CA LYS A 433 27.59 -14.15 -5.73
C LYS A 433 28.85 -14.66 -5.06
N THR A 434 29.89 -13.83 -5.03
CA THR A 434 31.15 -14.17 -4.36
C THR A 434 31.65 -12.99 -3.56
N GLY A 435 32.55 -13.28 -2.63
CA GLY A 435 33.21 -12.26 -1.81
C GLY A 435 32.43 -11.86 -0.58
N GLU A 436 32.95 -10.84 0.11
CA GLU A 436 32.36 -10.34 1.35
C GLU A 436 31.01 -9.69 1.09
N ARG A 437 30.17 -9.70 2.12
CA ARG A 437 28.81 -9.19 2.05
C ARG A 437 28.43 -8.77 3.47
N CYS A 438 27.89 -7.56 3.59
CA CYS A 438 27.52 -7.00 4.89
C CYS A 438 26.01 -6.88 4.95
N LEU A 439 25.37 -7.84 5.64
CA LEU A 439 23.93 -7.86 5.81
C LEU A 439 23.54 -7.02 7.02
N TYR A 440 22.89 -5.90 6.78
CA TYR A 440 22.30 -5.13 7.86
C TYR A 440 20.99 -5.83 8.23
N MET A 441 20.90 -6.30 9.47
CA MET A 441 19.82 -7.19 9.90
C MET A 441 18.56 -6.49 10.35
N TRP A 442 17.44 -7.20 10.22
CA TRP A 442 16.12 -6.75 10.70
C TRP A 442 15.89 -7.35 12.09
N PRO A 443 15.21 -6.61 12.99
CA PRO A 443 14.95 -7.14 14.33
C PRO A 443 13.86 -8.21 14.32
N SER A 444 14.02 -9.21 15.19
CA SER A 444 13.06 -10.30 15.27
C SER A 444 11.89 -9.83 16.13
N VAL A 445 10.69 -10.26 15.74
CA VAL A 445 9.47 -9.98 16.49
C VAL A 445 9.00 -11.33 17.05
N PRO A 446 8.85 -11.44 18.38
CA PRO A 446 8.51 -12.74 18.96
C PRO A 446 7.04 -13.09 18.70
N ASP A 447 6.82 -13.98 17.73
CA ASP A 447 5.47 -14.36 17.29
C ASP A 447 5.04 -15.72 17.85
N GLU A 448 3.76 -16.05 17.65
CA GLU A 448 3.14 -17.28 18.17
C GLU A 448 3.79 -18.57 17.67
N LYS A 449 4.21 -18.60 16.41
CA LYS A 449 4.89 -19.77 15.82
C LYS A 449 6.28 -19.96 16.43
N GLY A 450 7.05 -18.87 16.45
CA GLY A 450 8.34 -18.82 17.13
C GLY A 450 9.40 -19.71 16.49
N GLU A 451 9.55 -19.58 15.17
CA GLU A 451 10.49 -20.39 14.41
C GLU A 451 11.92 -19.93 14.63
N LEU A 452 12.86 -20.76 14.19
CA LEU A 452 14.29 -20.49 14.37
C LEU A 452 14.72 -19.35 13.45
N LEU A 453 14.48 -19.53 12.17
CA LEU A 453 14.80 -18.56 11.13
C LEU A 453 13.51 -18.00 10.54
N ASN A 454 13.66 -16.95 9.75
CA ASN A 454 12.54 -16.27 9.10
C ASN A 454 12.73 -16.31 7.58
N PRO A 455 12.47 -17.47 6.96
CA PRO A 455 12.64 -17.57 5.51
C PRO A 455 11.60 -16.81 4.67
N THR A 456 10.48 -16.40 5.26
CA THR A 456 9.47 -15.61 4.52
C THR A 456 9.89 -14.15 4.35
N GLY A 457 10.63 -13.61 5.32
CA GLY A 457 11.04 -12.21 5.33
C GLY A 457 11.82 -11.73 4.12
N THR A 458 11.83 -10.41 3.93
CA THR A 458 12.36 -9.80 2.71
C THR A 458 13.88 -10.02 2.56
N VAL A 459 14.35 -9.90 1.32
CA VAL A 459 15.77 -9.99 0.97
C VAL A 459 16.45 -8.62 1.14
N ARG A 460 15.68 -7.53 1.11
CA ARG A 460 16.26 -6.17 1.11
C ARG A 460 16.98 -5.93 2.42
N SER A 461 18.17 -5.33 2.35
CA SER A 461 18.90 -4.91 3.55
C SER A 461 18.12 -3.82 4.28
N ASN A 462 18.41 -3.70 5.57
CA ASN A 462 17.80 -2.68 6.42
C ASN A 462 18.26 -1.32 5.90
N PRO A 463 17.31 -0.40 5.62
CA PRO A 463 17.70 0.96 5.20
C PRO A 463 18.53 1.73 6.22
N ASN A 464 18.29 1.48 7.51
CA ASN A 464 19.03 2.14 8.59
C ASN A 464 20.46 1.57 8.73
N THR A 465 21.32 1.85 7.76
CA THR A 465 22.68 1.33 7.75
C THR A 465 23.53 1.99 8.84
N ASP A 466 23.14 3.19 9.27
CA ASP A 466 23.86 3.93 10.31
C ASP A 466 23.71 3.35 11.73
N SER A 467 22.49 2.94 12.10
CA SER A 467 22.21 2.43 13.47
C SER A 467 21.93 0.91 13.61
N ALA A 468 21.44 0.26 12.56
CA ALA A 468 21.03 -1.15 12.66
C ALA A 468 22.20 -2.11 12.84
N ALA A 469 21.92 -3.24 13.50
CA ALA A 469 22.88 -4.35 13.63
C ALA A 469 23.22 -4.94 12.27
N ALA A 470 24.41 -5.53 12.18
CA ALA A 470 24.89 -6.09 10.91
C ALA A 470 25.74 -7.34 11.10
N LEU A 471 25.75 -8.18 10.07
CA LEU A 471 26.58 -9.39 10.02
C LEU A 471 27.52 -9.29 8.84
N LEU A 472 28.82 -9.31 9.11
CA LEU A 472 29.83 -9.39 8.06
C LEU A 472 30.10 -10.86 7.80
N ILE A 473 29.83 -11.29 6.58
CA ILE A 473 30.06 -12.67 6.13
C ILE A 473 30.76 -12.66 4.77
N CYS A 474 31.23 -13.82 4.33
CA CYS A 474 31.97 -13.92 3.07
C CYS A 474 31.65 -15.21 2.32
N LEU A 475 31.09 -15.06 1.12
CA LEU A 475 30.81 -16.19 0.23
C LEU A 475 32.12 -16.49 -0.52
N PRO A 476 32.63 -17.73 -0.42
CA PRO A 476 33.96 -18.05 -0.95
C PRO A 476 34.07 -18.05 -2.48
N GLU A 477 35.32 -18.01 -2.96
CA GLU A 477 35.63 -18.04 -4.39
C GLU A 477 35.52 -19.48 -4.89
N VAL A 478 34.49 -19.76 -5.68
CA VAL A 478 34.25 -21.10 -6.21
C VAL A 478 35.18 -21.46 -7.38
N ALA A 479 35.55 -20.47 -8.19
CA ALA A 479 36.33 -20.69 -9.41
C ALA A 479 36.97 -19.38 -9.91
N PRO A 480 38.05 -19.48 -10.73
CA PRO A 480 38.67 -18.25 -11.28
C PRO A 480 37.75 -17.46 -12.22
N HIS A 481 36.96 -18.17 -13.03
CA HIS A 481 35.88 -17.56 -13.82
C HIS A 481 34.65 -17.37 -12.93
N PRO A 482 33.86 -16.31 -13.17
CA PRO A 482 32.55 -16.23 -12.52
C PRO A 482 31.58 -17.25 -13.13
N VAL A 483 30.68 -17.78 -12.30
CA VAL A 483 29.77 -18.88 -12.69
C VAL A 483 28.32 -18.42 -12.58
N TYR A 484 27.53 -18.69 -13.62
CA TYR A 484 26.10 -18.36 -13.67
C TYR A 484 25.26 -19.62 -13.48
N TYR A 485 23.98 -19.43 -13.15
CA TYR A 485 23.02 -20.54 -13.13
C TYR A 485 22.62 -20.76 -14.59
N PRO A 486 22.61 -22.03 -15.06
CA PRO A 486 22.40 -22.34 -16.48
C PRO A 486 21.17 -21.70 -17.16
N ALA A 487 21.30 -21.50 -18.46
CA ALA A 487 20.25 -20.90 -19.29
C ALA A 487 19.21 -21.95 -19.66
N LEU A 488 18.01 -21.48 -20.00
CA LEU A 488 16.86 -22.33 -20.35
C LEU A 488 17.12 -23.40 -21.43
N GLU A 489 18.00 -23.10 -22.39
CA GLU A 489 18.42 -24.08 -23.39
C GLU A 489 19.09 -25.29 -22.72
N LYS A 490 19.93 -25.03 -21.72
CA LYS A 490 20.63 -26.07 -20.96
C LYS A 490 19.75 -26.74 -19.89
N ILE A 491 18.76 -26.02 -19.35
CA ILE A 491 17.77 -26.59 -18.41
C ILE A 491 16.91 -27.61 -19.17
N LEU A 492 16.35 -27.18 -20.30
CA LEU A 492 15.55 -28.04 -21.18
C LEU A 492 16.33 -29.23 -21.76
N GLU A 493 17.66 -29.12 -21.86
CA GLU A 493 18.53 -30.23 -22.28
C GLU A 493 18.53 -31.42 -21.32
N LEU A 494 18.45 -31.15 -20.01
CA LEU A 494 18.25 -32.22 -19.02
C LEU A 494 16.87 -32.89 -19.12
N GLY A 495 15.85 -32.12 -19.54
CA GLY A 495 14.56 -32.70 -19.95
C GLY A 495 14.63 -33.63 -21.17
N ARG A 496 15.45 -33.27 -22.16
CA ARG A 496 15.66 -34.08 -23.38
C ARG A 496 16.30 -35.47 -23.19
N HIS A 497 16.97 -35.69 -22.04
CA HIS A 497 17.53 -37.01 -21.71
C HIS A 497 16.41 -37.95 -21.22
N SER A 498 15.76 -37.57 -20.12
CA SER A 498 14.61 -38.30 -19.57
C SER A 498 13.32 -37.56 -19.91
N GLU A 506 -3.78 -48.64 -13.87
CA GLU A 506 -3.26 -49.43 -12.76
C GLU A 506 -2.49 -48.58 -11.75
N GLU A 507 -1.52 -47.80 -12.25
CA GLU A 507 -0.81 -46.80 -11.44
C GLU A 507 -1.67 -45.55 -11.21
N GLN A 508 -2.54 -45.23 -12.17
CA GLN A 508 -3.42 -44.06 -12.12
C GLN A 508 -4.48 -44.09 -11.01
N LEU A 509 -4.89 -45.28 -10.59
CA LEU A 509 -5.94 -45.45 -9.57
C LEU A 509 -5.58 -44.77 -8.24
N GLN A 510 -4.32 -44.89 -7.83
CA GLN A 510 -3.83 -44.26 -6.60
C GLN A 510 -3.69 -42.74 -6.75
N LEU A 511 -3.27 -42.28 -7.93
CA LEU A 511 -3.04 -40.85 -8.20
C LEU A 511 -4.32 -40.00 -8.22
N ARG A 512 -5.39 -40.54 -8.81
CA ARG A 512 -6.68 -39.84 -8.85
C ARG A 512 -7.16 -39.49 -7.45
N GLU A 513 -7.17 -40.49 -6.56
CA GLU A 513 -7.58 -40.29 -5.15
C GLU A 513 -6.85 -39.12 -4.49
N ILE A 514 -5.55 -39.01 -4.75
CA ILE A 514 -4.70 -37.97 -4.15
C ILE A 514 -4.98 -36.58 -4.72
N LEU A 515 -5.12 -36.46 -6.04
CA LEU A 515 -5.38 -35.16 -6.70
C LEU A 515 -6.86 -34.77 -6.74
N GLU A 516 -7.71 -35.75 -7.08
CA GLU A 516 -9.15 -35.53 -7.31
C GLU A 516 -10.01 -35.42 -6.03
N ARG A 517 -9.41 -35.51 -4.84
CA ARG A 517 -10.12 -35.25 -3.57
C ARG A 517 -10.52 -33.77 -3.44
N LEU A 523 -0.20 -33.49 1.28
CA LEU A 523 0.49 -34.68 0.78
C LEU A 523 1.50 -35.21 1.80
N TYR A 524 1.67 -36.53 1.83
CA TYR A 524 2.56 -37.22 2.77
C TYR A 524 3.63 -38.03 2.04
N GLU A 525 4.64 -38.45 2.80
CA GLU A 525 5.90 -39.02 2.27
C GLU A 525 5.74 -39.87 0.99
N HIS A 526 5.05 -40.99 1.11
CA HIS A 526 4.86 -41.95 0.00
C HIS A 526 4.14 -41.33 -1.19
N GLU A 527 3.12 -40.51 -0.90
CA GLU A 527 2.30 -39.87 -1.93
C GLU A 527 3.11 -38.89 -2.78
N LYS A 528 3.98 -38.11 -2.14
CA LYS A 528 4.84 -37.14 -2.85
C LYS A 528 5.70 -37.80 -3.94
N ASP A 529 6.22 -38.99 -3.67
CA ASP A 529 6.94 -39.78 -4.69
C ASP A 529 6.01 -40.30 -5.78
N LEU A 530 4.82 -40.78 -5.39
CA LEU A 530 3.82 -41.28 -6.34
C LEU A 530 3.37 -40.24 -7.37
N VAL A 531 3.33 -38.98 -6.96
CA VAL A 531 3.06 -37.85 -7.86
C VAL A 531 4.28 -37.62 -8.77
N TRP A 532 5.48 -37.65 -8.18
CA TRP A 532 6.74 -37.39 -8.91
C TRP A 532 7.04 -38.43 -9.98
N LYS A 533 6.79 -39.70 -9.69
CA LYS A 533 6.91 -40.76 -10.70
C LYS A 533 5.97 -40.46 -11.87
N LEU A 534 4.70 -40.24 -11.56
CA LEU A 534 3.67 -39.94 -12.57
C LEU A 534 3.53 -38.43 -12.87
N ARG A 535 4.63 -37.69 -12.78
CA ARG A 535 4.65 -36.25 -13.10
C ARG A 535 4.28 -35.93 -14.55
N HIS A 536 4.58 -36.84 -15.47
CA HIS A 536 4.18 -36.70 -16.88
C HIS A 536 2.66 -36.89 -17.05
N GLU A 537 2.07 -37.80 -16.28
CA GLU A 537 0.62 -38.03 -16.29
C GLU A 537 -0.17 -36.86 -15.67
N VAL A 538 0.45 -36.17 -14.71
CA VAL A 538 -0.16 -34.98 -14.09
C VAL A 538 -0.31 -33.84 -15.10
N GLN A 539 0.72 -33.61 -15.91
CA GLN A 539 0.62 -32.62 -17.01
C GLN A 539 -0.46 -33.00 -18.04
N GLU A 540 -0.54 -34.29 -18.37
CA GLU A 540 -1.43 -34.78 -19.42
C GLU A 540 -2.92 -34.77 -19.04
N HIS A 541 -3.24 -35.31 -17.86
CA HIS A 541 -4.65 -35.44 -17.41
C HIS A 541 -5.07 -34.56 -16.23
N PHE A 542 -4.12 -33.93 -15.54
CA PHE A 542 -4.44 -33.13 -14.35
C PHE A 542 -3.70 -31.80 -14.33
N PRO A 543 -3.76 -31.02 -15.44
CA PRO A 543 -2.97 -29.78 -15.52
C PRO A 543 -3.19 -28.79 -14.36
N GLU A 544 -4.42 -28.77 -13.83
CA GLU A 544 -4.75 -27.97 -12.64
C GLU A 544 -3.97 -28.35 -11.37
N ALA A 545 -3.49 -29.59 -11.32
CA ALA A 545 -2.65 -30.07 -10.20
C ALA A 545 -1.17 -29.64 -10.27
N LEU A 546 -0.79 -28.81 -11.24
CA LEU A 546 0.55 -28.19 -11.28
C LEU A 546 1.08 -27.78 -9.90
N ALA A 547 0.30 -26.98 -9.17
CA ALA A 547 0.73 -26.48 -7.86
C ALA A 547 1.18 -27.59 -6.88
N ARG A 548 0.32 -28.59 -6.69
CA ARG A 548 0.67 -29.77 -5.87
C ARG A 548 1.99 -30.37 -6.29
N LEU A 549 2.15 -30.53 -7.59
CA LEU A 549 3.35 -31.11 -8.21
C LEU A 549 4.64 -30.29 -7.99
N LEU A 550 4.53 -28.97 -7.97
CA LEU A 550 5.69 -28.12 -7.70
C LEU A 550 6.25 -28.33 -6.29
N LEU A 551 5.38 -28.61 -5.33
CA LEU A 551 5.77 -28.82 -3.93
C LEU A 551 6.41 -30.19 -3.70
N VAL A 552 5.96 -31.21 -4.44
CA VAL A 552 6.58 -32.54 -4.34
C VAL A 552 7.96 -32.60 -4.99
N THR A 553 8.22 -31.71 -5.95
CA THR A 553 9.54 -31.56 -6.58
C THR A 553 10.62 -31.33 -5.53
N LYS A 554 11.73 -32.05 -5.66
CA LYS A 554 12.86 -31.97 -4.71
C LYS A 554 13.81 -30.87 -5.19
N TRP A 555 13.60 -29.65 -4.70
CA TRP A 555 14.35 -28.47 -5.16
C TRP A 555 15.81 -28.39 -4.68
N ASN A 556 16.18 -29.24 -3.71
CA ASN A 556 17.57 -29.42 -3.25
C ASN A 556 18.39 -30.50 -4.00
N LYS A 557 17.91 -30.95 -5.16
CA LYS A 557 18.71 -31.76 -6.10
C LYS A 557 18.46 -31.26 -7.52
N HIS A 558 19.53 -30.87 -8.23
CA HIS A 558 19.40 -30.14 -9.51
C HIS A 558 18.81 -30.96 -10.66
N GLU A 559 18.92 -32.28 -10.58
CA GLU A 559 18.34 -33.20 -11.55
C GLU A 559 16.80 -33.08 -11.53
N ASP A 560 16.22 -33.17 -10.34
CA ASP A 560 14.78 -32.95 -10.14
C ASP A 560 14.31 -31.63 -10.74
N VAL A 561 15.05 -30.57 -10.42
CA VAL A 561 14.66 -29.19 -10.75
C VAL A 561 14.57 -28.98 -12.26
N ALA A 562 15.53 -29.53 -13.00
CA ALA A 562 15.53 -29.43 -14.46
C ALA A 562 14.31 -30.11 -15.07
N GLN A 563 13.98 -31.29 -14.54
CA GLN A 563 12.83 -32.07 -15.02
C GLN A 563 11.49 -31.33 -14.81
N MET A 564 11.32 -30.69 -13.65
CA MET A 564 10.09 -29.93 -13.38
C MET A 564 9.95 -28.72 -14.29
N LEU A 565 11.05 -28.00 -14.48
CA LEU A 565 11.07 -26.84 -15.38
C LEU A 565 10.79 -27.22 -16.83
N TYR A 566 11.30 -28.38 -17.27
CA TYR A 566 11.05 -28.89 -18.62
C TYR A 566 9.56 -29.09 -18.89
N LEU A 567 8.86 -29.69 -17.93
CA LEU A 567 7.42 -29.91 -18.03
C LEU A 567 6.69 -28.59 -18.06
N LEU A 568 7.12 -27.70 -17.17
CA LEU A 568 6.51 -26.37 -16.99
C LEU A 568 6.47 -25.52 -18.27
N CYS A 569 7.54 -25.59 -19.05
CA CYS A 569 7.64 -24.81 -20.29
C CYS A 569 6.59 -25.17 -21.34
N SER A 570 6.16 -26.42 -21.35
CA SER A 570 5.11 -26.90 -22.25
C SER A 570 3.78 -27.18 -21.50
N TRP A 571 3.62 -26.60 -20.31
CA TRP A 571 2.44 -26.83 -19.47
C TRP A 571 1.28 -25.99 -20.02
N PRO A 572 0.08 -26.60 -20.18
CA PRO A 572 -1.03 -25.84 -20.76
C PRO A 572 -1.48 -24.68 -19.87
N GLU A 573 -1.96 -23.61 -20.50
CA GLU A 573 -2.37 -22.38 -19.80
C GLU A 573 -3.51 -22.65 -18.82
N LEU A 574 -3.31 -22.30 -17.55
CA LEU A 574 -4.33 -22.53 -16.52
C LEU A 574 -5.26 -21.31 -16.34
N PRO A 575 -6.49 -21.52 -15.81
CA PRO A 575 -7.37 -20.37 -15.55
C PRO A 575 -6.84 -19.44 -14.46
N VAL A 576 -7.30 -18.19 -14.47
CA VAL A 576 -6.93 -17.16 -13.48
C VAL A 576 -6.88 -17.70 -12.05
N LEU A 577 -7.98 -18.34 -11.65
CA LEU A 577 -8.13 -18.87 -10.30
C LEU A 577 -6.94 -19.74 -9.87
N SER A 578 -6.46 -20.58 -10.78
CA SER A 578 -5.26 -21.41 -10.53
C SER A 578 -3.98 -20.55 -10.46
N ALA A 579 -3.83 -19.65 -11.42
CA ALA A 579 -2.70 -18.71 -11.48
C ALA A 579 -2.52 -17.86 -10.21
N LEU A 580 -3.63 -17.52 -9.54
CA LEU A 580 -3.56 -16.78 -8.28
C LEU A 580 -2.84 -17.57 -7.18
N GLU A 581 -3.11 -18.87 -7.09
CA GLU A 581 -2.40 -19.74 -6.15
C GLU A 581 -0.89 -19.75 -6.41
N LEU A 582 -0.49 -19.68 -7.69
CA LEU A 582 0.93 -19.76 -8.07
C LEU A 582 1.76 -18.51 -7.78
N LEU A 583 1.09 -17.41 -7.42
CA LEU A 583 1.79 -16.20 -6.95
C LEU A 583 2.18 -16.26 -5.47
N ASP A 584 1.64 -17.24 -4.74
CA ASP A 584 1.89 -17.38 -3.31
C ASP A 584 3.37 -17.72 -3.06
N PHE A 585 3.86 -17.36 -1.88
CA PHE A 585 5.29 -17.52 -1.50
C PHE A 585 5.85 -18.95 -1.63
N SER A 586 5.00 -19.95 -1.40
CA SER A 586 5.34 -21.38 -1.59
C SER A 586 6.03 -21.71 -2.92
N PHE A 587 5.78 -20.88 -3.94
CA PHE A 587 6.28 -21.08 -5.30
C PHE A 587 7.26 -19.95 -5.70
N PRO A 588 8.47 -19.94 -5.10
CA PRO A 588 9.41 -18.83 -5.31
C PRO A 588 10.12 -18.76 -6.66
N ASP A 589 10.13 -19.87 -7.43
CA ASP A 589 10.91 -19.94 -8.68
C ASP A 589 10.38 -18.99 -9.75
N CYS A 590 11.32 -18.35 -10.46
CA CYS A 590 11.01 -17.35 -11.51
C CYS A 590 10.18 -17.90 -12.68
N HIS A 591 10.40 -19.17 -13.00
CA HIS A 591 9.68 -19.84 -14.10
C HIS A 591 8.22 -20.13 -13.72
N VAL A 592 7.94 -20.28 -12.42
CA VAL A 592 6.57 -20.43 -11.93
C VAL A 592 5.86 -19.08 -11.94
N GLY A 593 6.56 -18.06 -11.45
CA GLY A 593 6.09 -16.68 -11.50
C GLY A 593 5.68 -16.27 -12.89
N SER A 594 6.54 -16.54 -13.86
CA SER A 594 6.30 -16.16 -15.25
C SER A 594 5.06 -16.84 -15.83
N PHE A 595 4.90 -18.13 -15.54
CA PHE A 595 3.71 -18.90 -15.94
C PHE A 595 2.43 -18.31 -15.32
N ALA A 596 2.48 -18.03 -14.02
CA ALA A 596 1.34 -17.40 -13.32
C ALA A 596 0.90 -16.09 -13.99
N ILE A 597 1.86 -15.22 -14.28
CA ILE A 597 1.59 -13.93 -14.93
C ILE A 597 1.09 -14.15 -16.34
N LYS A 598 1.71 -15.08 -17.08
CA LYS A 598 1.23 -15.43 -18.42
C LYS A 598 -0.27 -15.74 -18.43
N SER A 599 -0.70 -16.58 -17.50
CA SER A 599 -2.13 -16.90 -17.32
C SER A 599 -3.00 -15.74 -16.81
N LEU A 600 -2.42 -14.74 -16.15
CA LEU A 600 -3.16 -13.52 -15.74
C LEU A 600 -3.32 -12.42 -16.80
N ARG A 601 -2.59 -12.51 -17.91
CA ARG A 601 -2.74 -11.52 -19.00
C ARG A 601 -4.14 -11.49 -19.64
N LYS A 602 -4.89 -12.57 -19.50
CA LYS A 602 -6.29 -12.62 -19.99
C LYS A 602 -7.31 -11.89 -19.11
N LEU A 603 -6.90 -11.43 -17.92
CA LEU A 603 -7.74 -10.57 -17.08
C LEU A 603 -8.19 -9.31 -17.79
N THR A 604 -9.51 -9.08 -17.81
CA THR A 604 -10.07 -7.75 -18.17
C THR A 604 -9.69 -6.73 -17.10
N ASP A 605 -9.67 -5.45 -17.46
CA ASP A 605 -9.34 -4.37 -16.51
C ASP A 605 -10.29 -4.37 -15.30
N ASP A 606 -11.59 -4.62 -15.52
CA ASP A 606 -12.56 -4.68 -14.41
C ASP A 606 -12.24 -5.76 -13.39
N GLU A 607 -12.03 -6.98 -13.88
CA GLU A 607 -11.65 -8.12 -13.04
C GLU A 607 -10.32 -7.89 -12.34
N LEU A 608 -9.34 -7.36 -13.07
CA LEU A 608 -8.00 -7.04 -12.52
C LEU A 608 -8.07 -6.05 -11.37
N PHE A 609 -9.02 -5.11 -11.45
CA PHE A 609 -9.24 -4.15 -10.37
C PHE A 609 -9.64 -4.84 -9.06
N GLN A 610 -10.46 -5.88 -9.14
CA GLN A 610 -10.88 -6.66 -7.95
C GLN A 610 -9.73 -7.36 -7.21
N TYR A 611 -8.63 -7.65 -7.90
CA TYR A 611 -7.46 -8.31 -7.29
C TYR A 611 -6.24 -7.41 -7.13
N LEU A 612 -6.30 -6.16 -7.58
CA LEU A 612 -5.13 -5.27 -7.59
C LEU A 612 -4.40 -5.18 -6.23
N LEU A 613 -5.16 -5.04 -5.14
CA LEU A 613 -4.57 -5.00 -3.78
C LEU A 613 -3.73 -6.25 -3.46
N GLN A 614 -4.26 -7.43 -3.76
CA GLN A 614 -3.54 -8.67 -3.47
C GLN A 614 -2.26 -8.76 -4.28
N LEU A 615 -2.35 -8.38 -5.56
CA LEU A 615 -1.19 -8.36 -6.45
C LEU A 615 -0.08 -7.42 -5.98
N VAL A 616 -0.44 -6.27 -5.41
CA VAL A 616 0.55 -5.33 -4.85
C VAL A 616 1.32 -5.94 -3.68
N GLN A 617 0.61 -6.65 -2.79
CA GLN A 617 1.22 -7.24 -1.59
C GLN A 617 2.20 -8.35 -1.96
N VAL A 618 1.81 -9.17 -2.93
CA VAL A 618 2.67 -10.23 -3.51
C VAL A 618 4.09 -9.72 -3.88
N LEU A 619 4.24 -8.45 -4.26
CA LEU A 619 5.58 -7.89 -4.57
C LEU A 619 6.56 -7.95 -3.38
N LYS A 620 6.04 -8.01 -2.15
CA LYS A 620 6.86 -8.19 -0.96
C LYS A 620 7.55 -9.54 -0.87
N TYR A 621 6.98 -10.55 -1.54
CA TYR A 621 7.58 -11.88 -1.67
C TYR A 621 8.69 -11.96 -2.74
N GLU A 622 8.73 -11.00 -3.67
CA GLU A 622 9.71 -11.00 -4.77
C GLU A 622 11.14 -10.80 -4.26
N SER A 623 12.09 -11.43 -4.95
CA SER A 623 13.51 -11.39 -4.57
C SER A 623 14.26 -10.21 -5.21
N TYR A 624 14.00 -10.03 -6.51
CA TYR A 624 14.70 -9.06 -7.33
C TYR A 624 13.76 -7.95 -7.75
N LEU A 625 14.33 -6.78 -8.05
CA LEU A 625 13.52 -5.61 -8.36
C LEU A 625 12.84 -5.75 -9.71
N ASP A 626 13.60 -6.11 -10.73
CA ASP A 626 13.04 -6.40 -12.06
C ASP A 626 12.41 -7.77 -11.97
N CYS A 627 11.07 -7.81 -12.07
CA CYS A 627 10.33 -9.07 -12.07
C CYS A 627 9.13 -8.97 -12.99
N GLU A 628 8.57 -10.12 -13.35
CA GLU A 628 7.47 -10.19 -14.31
C GLU A 628 6.22 -9.47 -13.81
N LEU A 629 5.91 -9.65 -12.53
CA LEU A 629 4.72 -9.03 -11.90
C LEU A 629 4.75 -7.50 -11.94
N THR A 630 5.95 -6.93 -11.73
CA THR A 630 6.14 -5.49 -11.75
C THR A 630 5.90 -4.93 -13.15
N LYS A 631 6.44 -5.60 -14.17
CA LYS A 631 6.21 -5.18 -15.55
C LYS A 631 4.74 -5.33 -15.94
N PHE A 632 4.08 -6.38 -15.43
CA PHE A 632 2.67 -6.64 -15.72
C PHE A 632 1.84 -5.51 -15.13
N LEU A 633 2.01 -5.28 -13.83
CA LEU A 633 1.33 -4.18 -13.14
C LEU A 633 1.57 -2.81 -13.80
N LEU A 634 2.80 -2.58 -14.27
CA LEU A 634 3.11 -1.33 -14.98
C LEU A 634 2.42 -1.27 -16.35
N ASP A 635 2.48 -2.35 -17.12
CA ASP A 635 1.74 -2.47 -18.40
C ASP A 635 0.28 -2.03 -18.26
N ARG A 636 -0.40 -2.61 -17.28
CA ARG A 636 -1.84 -2.38 -17.08
C ARG A 636 -2.12 -0.96 -16.57
N ALA A 637 -1.23 -0.42 -15.72
CA ALA A 637 -1.29 0.97 -15.25
C ALA A 637 -1.15 2.00 -16.35
N LEU A 638 -0.30 1.71 -17.33
CA LEU A 638 -0.08 2.60 -18.48
C LEU A 638 -1.21 2.50 -19.50
N ALA A 639 -1.89 1.36 -19.55
CA ALA A 639 -3.00 1.15 -20.48
C ALA A 639 -4.34 1.65 -19.95
N ASN A 640 -4.46 1.79 -18.63
CA ASN A 640 -5.70 2.20 -17.96
C ASN A 640 -5.43 3.18 -16.81
N ARG A 641 -6.01 4.37 -16.88
CA ARG A 641 -5.73 5.45 -15.92
C ARG A 641 -6.26 5.17 -14.50
N LYS A 642 -7.42 4.52 -14.39
CA LYS A 642 -8.00 4.11 -13.10
C LYS A 642 -7.11 3.09 -12.39
N ILE A 643 -6.72 2.04 -13.11
CA ILE A 643 -5.81 1.03 -12.56
C ILE A 643 -4.50 1.72 -12.15
N GLY A 644 -3.97 2.56 -13.04
CA GLY A 644 -2.79 3.37 -12.75
C GLY A 644 -2.95 4.19 -11.47
N HIS A 645 -4.11 4.86 -11.34
CA HIS A 645 -4.42 5.64 -10.14
C HIS A 645 -4.33 4.82 -8.85
N PHE A 646 -5.06 3.71 -8.80
CA PHE A 646 -5.09 2.90 -7.59
C PHE A 646 -3.81 2.13 -7.36
N LEU A 647 -3.08 1.81 -8.42
CA LEU A 647 -1.72 1.29 -8.25
C LEU A 647 -0.87 2.31 -7.48
N PHE A 648 -0.91 3.56 -7.93
CA PHE A 648 -0.13 4.62 -7.30
C PHE A 648 -0.36 4.68 -5.80
N TRP A 649 -1.63 4.83 -5.40
CA TRP A 649 -1.96 4.95 -3.97
C TRP A 649 -1.65 3.71 -3.12
N HIS A 650 -1.90 2.51 -3.66
CA HIS A 650 -1.53 1.27 -2.95
C HIS A 650 -0.05 1.26 -2.59
N LEU A 651 0.80 1.68 -3.54
CA LEU A 651 2.27 1.70 -3.31
C LEU A 651 2.69 2.90 -2.48
N ARG A 652 2.13 4.07 -2.80
CA ARG A 652 2.47 5.31 -2.07
C ARG A 652 2.18 5.20 -0.59
N SER A 653 1.03 4.62 -0.25
CA SER A 653 0.63 4.45 1.15
C SER A 653 1.46 3.48 2.00
N GLU A 654 2.47 2.82 1.42
CA GLU A 654 3.46 2.03 2.20
C GLU A 654 4.91 2.52 2.09
N MET A 655 5.11 3.71 1.54
CA MET A 655 6.45 4.32 1.42
C MET A 655 7.15 4.62 2.75
N HIS A 656 6.39 4.63 3.84
CA HIS A 656 6.95 4.70 5.21
C HIS A 656 7.54 3.39 5.75
N VAL A 657 7.28 2.27 5.09
CA VAL A 657 7.66 0.94 5.59
C VAL A 657 9.07 0.60 5.06
N PRO A 658 10.08 0.60 5.94
CA PRO A 658 11.46 0.43 5.44
C PRO A 658 11.64 -0.74 4.46
N SER A 659 10.99 -1.86 4.74
CA SER A 659 11.17 -3.09 3.95
C SER A 659 10.80 -2.94 2.48
N VAL A 660 9.80 -2.09 2.18
CA VAL A 660 9.31 -1.89 0.80
C VAL A 660 9.58 -0.52 0.16
N ALA A 661 10.02 0.46 0.94
CA ALA A 661 10.30 1.83 0.45
C ALA A 661 11.06 1.89 -0.89
N LEU A 662 12.08 1.05 -1.01
CA LEU A 662 12.96 1.03 -2.18
C LEU A 662 12.23 0.47 -3.36
N ARG A 663 11.73 -0.76 -3.21
CA ARG A 663 11.04 -1.48 -4.28
C ARG A 663 9.85 -0.68 -4.84
N PHE A 664 9.06 -0.13 -3.92
CA PHE A 664 7.86 0.63 -4.29
C PHE A 664 8.19 2.00 -4.88
N GLY A 665 9.26 2.62 -4.38
CA GLY A 665 9.72 3.91 -4.92
C GLY A 665 10.07 3.85 -6.39
N LEU A 666 10.86 2.84 -6.76
CA LEU A 666 11.31 2.66 -8.14
C LEU A 666 10.17 2.38 -9.12
N ILE A 667 9.10 1.72 -8.64
CA ILE A 667 7.89 1.48 -9.46
C ILE A 667 7.09 2.77 -9.64
N LEU A 668 6.88 3.47 -8.53
CA LEU A 668 6.25 4.79 -8.58
C LEU A 668 6.97 5.78 -9.49
N GLU A 669 8.30 5.74 -9.49
CA GLU A 669 9.08 6.57 -10.42
C GLU A 669 8.72 6.20 -11.87
N ALA A 670 8.71 4.90 -12.15
CA ALA A 670 8.41 4.39 -13.47
C ALA A 670 6.99 4.76 -13.89
N TYR A 671 6.01 4.50 -13.03
CA TYR A 671 4.61 4.83 -13.33
C TYR A 671 4.48 6.29 -13.75
N CYS A 672 5.01 7.17 -12.91
CA CYS A 672 4.98 8.62 -13.11
C CYS A 672 5.53 9.07 -14.45
N ARG A 673 6.66 8.49 -14.86
CA ARG A 673 7.30 8.82 -16.14
C ARG A 673 6.48 8.46 -17.38
N GLY A 674 5.68 7.40 -17.26
CA GLY A 674 4.71 7.03 -18.31
C GLY A 674 3.33 7.66 -18.16
N SER A 675 3.12 8.40 -17.08
CA SER A 675 1.84 9.04 -16.77
C SER A 675 2.07 10.47 -16.30
N THR A 676 2.89 11.24 -17.03
CA THR A 676 3.14 12.65 -16.70
C THR A 676 1.83 13.45 -16.65
N HIS A 677 0.87 13.07 -17.48
CA HIS A 677 -0.46 13.67 -17.48
C HIS A 677 -1.15 13.48 -16.13
N HIS A 678 -1.10 12.25 -15.62
CA HIS A 678 -1.75 11.92 -14.34
C HIS A 678 -0.95 12.34 -13.09
N MET A 679 0.38 12.48 -13.22
CA MET A 679 1.22 13.09 -12.16
C MET A 679 0.61 14.37 -11.61
N LYS A 680 0.13 15.22 -12.52
CA LYS A 680 -0.41 16.53 -12.15
C LYS A 680 -1.65 16.39 -11.27
N VAL A 681 -2.50 15.41 -11.57
CA VAL A 681 -3.68 15.14 -10.72
C VAL A 681 -3.27 14.65 -9.33
N LEU A 682 -2.32 13.71 -9.30
CA LEU A 682 -1.85 13.11 -8.05
C LEU A 682 -1.04 14.08 -7.19
N MET A 683 -0.36 15.04 -7.82
CA MET A 683 0.28 16.14 -7.10
C MET A 683 -0.73 16.90 -6.26
N LYS A 684 -1.81 17.33 -6.91
CA LYS A 684 -2.87 18.09 -6.26
C LYS A 684 -3.49 17.35 -5.07
N GLN A 685 -3.68 16.05 -5.22
CA GLN A 685 -4.26 15.23 -4.15
C GLN A 685 -3.32 15.16 -2.96
N GLY A 686 -2.06 14.84 -3.26
CA GLY A 686 -0.99 14.80 -2.26
C GLY A 686 -0.88 16.04 -1.37
N GLU A 687 -1.08 17.22 -1.98
CA GLU A 687 -1.03 18.49 -1.26
C GLU A 687 -2.28 18.72 -0.43
N ALA A 688 -3.44 18.43 -1.01
CA ALA A 688 -4.70 18.41 -0.27
C ALA A 688 -4.58 17.52 0.96
N LEU A 689 -4.04 16.34 0.75
CA LEU A 689 -3.82 15.37 1.84
C LEU A 689 -2.89 15.92 2.92
N SER A 690 -1.88 16.69 2.51
CA SER A 690 -0.90 17.28 3.45
C SER A 690 -1.47 18.42 4.29
N LYS A 691 -2.41 19.16 3.72
CA LYS A 691 -3.12 20.20 4.45
C LYS A 691 -4.06 19.57 5.47
N LEU A 692 -4.80 18.54 5.06
CA LEU A 692 -5.68 17.81 5.98
C LEU A 692 -4.94 17.24 7.21
N LYS A 693 -3.76 16.66 6.99
CA LYS A 693 -2.90 16.16 8.06
C LYS A 693 -2.55 17.29 9.04
N ALA A 694 -2.08 18.42 8.50
CA ALA A 694 -1.82 19.63 9.31
C ALA A 694 -3.08 20.13 10.03
N LEU A 695 -4.21 20.11 9.31
CA LEU A 695 -5.49 20.53 9.85
C LEU A 695 -6.00 19.62 10.96
N ASN A 696 -5.90 18.30 10.76
CA ASN A 696 -6.34 17.31 11.77
C ASN A 696 -5.54 17.45 13.05
N ASP A 697 -4.22 17.54 12.91
CA ASP A 697 -3.30 17.68 14.05
C ASP A 697 -3.64 18.89 14.92
N PHE A 698 -4.08 19.98 14.29
CA PHE A 698 -4.59 21.16 15.00
C PHE A 698 -5.89 20.88 15.77
N VAL A 699 -6.82 20.16 15.14
CA VAL A 699 -8.09 19.78 15.78
C VAL A 699 -7.88 18.80 16.93
N LYS A 700 -7.04 17.80 16.72
CA LYS A 700 -6.61 16.87 17.79
C LYS A 700 -6.16 17.59 19.05
N LEU A 701 -5.25 18.55 18.87
CA LEU A 701 -4.67 19.33 19.97
C LEU A 701 -5.70 20.26 20.65
N SER A 702 -6.49 20.95 19.84
CA SER A 702 -7.49 21.90 20.34
C SER A 702 -8.65 21.24 21.09
N SER A 703 -9.15 20.13 20.56
CA SER A 703 -10.29 19.41 21.16
C SER A 703 -9.98 18.85 22.55
N GLN A 704 -8.72 18.51 22.80
CA GLN A 704 -8.26 18.14 24.13
C GLN A 704 -8.52 19.27 25.14
N LYS A 705 -8.17 20.50 24.75
CA LYS A 705 -8.29 21.69 25.61
C LYS A 705 -9.71 22.24 25.67
N THR A 706 -10.22 22.66 24.51
CA THR A 706 -11.41 23.52 24.40
C THR A 706 -12.60 22.82 23.71
N PRO A 707 -13.84 23.30 23.95
CA PRO A 707 -15.04 22.58 23.46
C PRO A 707 -15.27 22.62 21.94
N LYS A 708 -16.21 21.78 21.50
CA LYS A 708 -16.42 21.46 20.08
C LYS A 708 -16.81 22.63 19.17
N PRO A 709 -17.81 23.46 19.58
CA PRO A 709 -18.24 24.56 18.70
C PRO A 709 -17.15 25.60 18.41
N GLN A 710 -16.35 25.93 19.43
CA GLN A 710 -15.19 26.82 19.27
C GLN A 710 -14.08 26.18 18.40
N THR A 711 -13.84 24.89 18.60
CA THR A 711 -12.86 24.15 17.78
C THR A 711 -13.33 24.04 16.30
N LYS A 712 -14.64 23.88 16.11
CA LYS A 712 -15.25 23.86 14.78
C LYS A 712 -15.02 25.17 14.01
N GLU A 713 -15.14 26.31 14.70
CA GLU A 713 -14.91 27.62 14.07
C GLU A 713 -13.43 27.92 13.85
N LEU A 714 -12.58 27.51 14.80
CA LEU A 714 -11.13 27.67 14.66
C LEU A 714 -10.54 26.78 13.54
N MET A 715 -11.19 25.64 13.29
CA MET A 715 -10.89 24.79 12.11
C MET A 715 -11.16 25.59 10.83
N HIS A 716 -12.35 26.19 10.76
CA HIS A 716 -12.77 26.97 9.59
C HIS A 716 -11.82 28.11 9.27
N LEU A 717 -11.34 28.81 10.30
CA LEU A 717 -10.35 29.90 10.13
C LEU A 717 -9.11 29.46 9.38
N CYS A 718 -8.56 28.30 9.76
CA CYS A 718 -7.41 27.72 9.08
C CYS A 718 -7.74 27.40 7.63
N MET A 719 -8.94 26.88 7.39
CA MET A 719 -9.39 26.52 6.03
C MET A 719 -9.61 27.72 5.10
N ARG A 720 -9.93 28.89 5.67
CA ARG A 720 -10.14 30.12 4.88
C ARG A 720 -8.86 30.68 4.24
N GLN A 721 -7.70 30.31 4.79
CA GLN A 721 -6.39 30.75 4.27
C GLN A 721 -6.17 30.35 2.81
N GLU A 722 -5.63 31.29 2.02
CA GLU A 722 -5.39 31.09 0.58
C GLU A 722 -4.82 29.72 0.27
N ALA A 723 -3.66 29.43 0.87
CA ALA A 723 -2.93 28.18 0.64
C ALA A 723 -3.78 26.95 0.98
N TYR A 724 -4.48 27.01 2.11
CA TYR A 724 -5.36 25.93 2.54
C TYR A 724 -6.56 25.76 1.62
N LEU A 725 -7.32 26.83 1.44
CA LEU A 725 -8.54 26.80 0.63
C LEU A 725 -8.28 26.34 -0.81
N GLU A 726 -7.23 26.88 -1.43
CA GLU A 726 -6.87 26.57 -2.82
C GLU A 726 -6.34 25.14 -3.00
N ALA A 727 -5.59 24.64 -2.02
CA ALA A 727 -5.04 23.28 -2.04
C ALA A 727 -6.13 22.22 -1.82
N LEU A 728 -7.08 22.51 -0.95
CA LEU A 728 -8.22 21.63 -0.70
C LEU A 728 -9.31 21.73 -1.78
N SER A 729 -9.35 22.85 -2.51
CA SER A 729 -10.34 23.07 -3.57
C SER A 729 -9.90 22.49 -4.91
N HIS A 730 -10.89 22.09 -5.70
CA HIS A 730 -10.75 21.74 -7.12
C HIS A 730 -9.69 20.69 -7.41
N LEU A 731 -10.07 19.45 -7.14
CA LEU A 731 -9.21 18.30 -7.34
C LEU A 731 -10.09 17.10 -7.58
N GLN A 732 -9.57 16.11 -8.32
CA GLN A 732 -10.24 14.84 -8.49
C GLN A 732 -10.11 14.03 -7.20
N SER A 733 -11.21 13.42 -6.77
CA SER A 733 -11.21 12.63 -5.54
C SER A 733 -10.21 11.48 -5.65
N PRO A 734 -9.36 11.27 -4.62
CA PRO A 734 -8.57 10.05 -4.52
C PRO A 734 -9.39 8.77 -4.52
N LEU A 735 -10.56 8.80 -3.88
CA LEU A 735 -11.43 7.63 -3.75
C LEU A 735 -12.02 7.16 -5.09
N ASP A 736 -12.21 8.10 -6.01
CA ASP A 736 -12.64 7.80 -7.38
C ASP A 736 -12.33 9.01 -8.27
N PRO A 737 -11.31 8.89 -9.13
CA PRO A 737 -10.89 10.07 -9.92
C PRO A 737 -11.91 10.63 -10.92
N SER A 738 -12.95 9.83 -11.25
CA SER A 738 -14.07 10.33 -12.05
C SER A 738 -14.98 11.29 -11.24
N THR A 739 -15.01 11.15 -9.92
CA THR A 739 -15.65 12.12 -9.03
C THR A 739 -14.82 13.40 -9.02
N LEU A 740 -15.48 14.54 -8.85
CA LEU A 740 -14.83 15.86 -8.83
C LEU A 740 -15.17 16.62 -7.55
N LEU A 741 -14.15 16.81 -6.70
CA LEU A 741 -14.27 17.64 -5.49
C LEU A 741 -13.96 19.09 -5.89
N ALA A 742 -15.00 19.88 -6.15
CA ALA A 742 -14.84 21.25 -6.66
C ALA A 742 -14.64 22.27 -5.53
N GLU A 743 -15.74 22.76 -4.94
CA GLU A 743 -15.68 23.89 -3.99
C GLU A 743 -15.91 23.40 -2.56
N VAL A 744 -14.86 23.47 -1.73
CA VAL A 744 -14.95 23.03 -0.33
C VAL A 744 -15.89 23.95 0.49
N CYS A 745 -16.96 23.36 1.03
CA CYS A 745 -17.96 24.10 1.81
C CYS A 745 -17.56 24.16 3.28
N VAL A 746 -16.88 25.23 3.64
CA VAL A 746 -16.26 25.39 4.97
C VAL A 746 -17.27 25.33 6.13
N GLU A 747 -18.50 25.79 5.90
CA GLU A 747 -19.54 25.76 6.94
C GLU A 747 -19.97 24.34 7.30
N GLN A 748 -20.21 23.51 6.29
CA GLN A 748 -20.56 22.10 6.49
C GLN A 748 -19.40 21.23 6.98
N CYS A 749 -18.17 21.67 6.73
CA CYS A 749 -16.98 20.96 7.20
C CYS A 749 -16.91 20.91 8.73
N THR A 750 -16.66 19.72 9.27
CA THR A 750 -16.63 19.49 10.73
C THR A 750 -15.73 18.29 11.05
N PHE A 751 -15.74 17.83 12.31
CA PHE A 751 -15.03 16.61 12.73
C PHE A 751 -15.90 15.74 13.65
N MET A 752 -15.56 14.46 13.72
CA MET A 752 -16.34 13.47 14.51
C MET A 752 -15.66 13.12 15.85
N ASP A 753 -16.43 12.48 16.74
CA ASP A 753 -16.03 12.28 18.15
C ASP A 753 -15.24 10.99 18.46
N SER A 754 -14.69 10.32 17.45
CA SER A 754 -13.80 9.16 17.65
C SER A 754 -12.50 9.56 18.36
N LYS A 755 -11.75 8.57 18.83
CA LYS A 755 -10.45 8.81 19.51
C LYS A 755 -9.48 9.63 18.64
N MET A 756 -9.34 9.24 17.38
CA MET A 756 -8.46 9.96 16.42
C MET A 756 -9.07 11.20 15.76
N LYS A 757 -10.38 11.42 15.98
CA LYS A 757 -11.09 12.66 15.60
C LYS A 757 -11.07 12.93 14.09
N PRO A 758 -11.76 12.08 13.30
CA PRO A 758 -11.77 12.22 11.83
C PRO A 758 -12.37 13.53 11.37
N LEU A 759 -11.80 14.10 10.31
CA LEU A 759 -12.34 15.31 9.67
C LEU A 759 -13.39 14.95 8.63
N TRP A 760 -14.45 15.74 8.56
CA TRP A 760 -15.58 15.54 7.66
C TRP A 760 -15.59 16.72 6.72
N ILE A 761 -15.26 16.49 5.46
CA ILE A 761 -15.02 17.59 4.49
C ILE A 761 -16.09 17.55 3.43
N MET A 762 -16.87 18.63 3.32
CA MET A 762 -17.98 18.69 2.36
C MET A 762 -17.66 19.58 1.15
N TYR A 763 -18.06 19.11 -0.03
CA TYR A 763 -17.82 19.79 -1.31
C TYR A 763 -19.13 20.14 -2.01
N SER A 764 -19.03 20.92 -3.10
CA SER A 764 -20.18 21.29 -3.91
C SER A 764 -19.75 21.61 -5.34
N ASN A 765 -20.51 21.11 -6.31
CA ASN A 765 -20.24 21.30 -7.75
C ASN A 765 -21.54 21.54 -8.54
N GLU A 766 -21.79 22.80 -8.90
CA GLU A 766 -23.06 23.20 -9.54
C GLU A 766 -23.23 22.74 -11.00
N GLU A 767 -22.16 22.18 -11.59
CA GLU A 767 -22.26 21.42 -12.84
C GLU A 767 -22.93 20.05 -12.63
N ALA A 768 -22.69 19.41 -11.48
CA ALA A 768 -23.29 18.12 -11.14
C ALA A 768 -24.78 18.25 -10.82
N GLY A 772 -25.45 15.69 -5.91
CA GLY A 772 -24.52 16.74 -6.33
C GLY A 772 -23.94 17.55 -5.19
N SER A 773 -23.45 16.85 -4.17
CA SER A 773 -22.89 17.47 -2.96
C SER A 773 -21.98 16.47 -2.24
N VAL A 774 -20.94 16.05 -2.93
CA VAL A 774 -20.01 15.01 -2.42
C VAL A 774 -19.25 15.43 -1.16
N GLY A 775 -18.82 14.43 -0.39
CA GLY A 775 -18.05 14.64 0.86
C GLY A 775 -17.04 13.54 1.09
N ILE A 776 -16.09 13.78 2.00
CA ILE A 776 -15.09 12.78 2.37
C ILE A 776 -14.78 12.82 3.87
N ILE A 777 -14.27 11.70 4.39
CA ILE A 777 -13.76 11.60 5.75
C ILE A 777 -12.26 11.42 5.67
N PHE A 778 -11.51 12.29 6.34
CA PHE A 778 -10.06 12.14 6.45
C PHE A 778 -9.74 11.51 7.80
N LYS A 779 -9.43 10.20 7.78
CA LYS A 779 -8.99 9.51 9.00
C LYS A 779 -7.46 9.55 9.07
N ASN A 780 -6.92 10.09 10.17
CA ASN A 780 -5.49 10.01 10.47
C ASN A 780 -5.27 9.59 11.92
N GLY A 781 -4.57 8.47 12.11
CA GLY A 781 -4.24 7.96 13.44
C GLY A 781 -4.28 6.45 13.53
N ASP A 782 -5.28 5.84 12.90
CA ASP A 782 -5.43 4.38 12.85
C ASP A 782 -5.03 3.81 11.49
N ASP A 783 -4.72 2.52 11.50
CA ASP A 783 -4.52 1.72 10.30
C ASP A 783 -5.90 1.51 9.63
N LEU A 784 -5.98 1.76 8.32
CA LEU A 784 -7.23 1.53 7.55
C LEU A 784 -7.14 0.35 6.58
N ARG A 785 -5.99 -0.29 6.50
CA ARG A 785 -5.76 -1.37 5.54
C ARG A 785 -6.75 -2.53 5.75
N GLN A 786 -6.99 -2.89 7.01
CA GLN A 786 -7.94 -3.94 7.36
C GLN A 786 -9.40 -3.62 7.00
N ASP A 787 -9.81 -2.35 7.11
CA ASP A 787 -11.12 -1.92 6.63
C ASP A 787 -11.25 -2.04 5.11
N MET A 788 -10.18 -1.71 4.38
CA MET A 788 -10.20 -1.76 2.92
C MET A 788 -10.38 -3.16 2.40
N LEU A 789 -9.61 -4.10 2.95
CA LEU A 789 -9.70 -5.49 2.55
C LEU A 789 -11.11 -6.02 2.74
N THR A 790 -11.69 -5.70 3.90
CA THR A 790 -13.05 -6.11 4.23
C THR A 790 -14.08 -5.55 3.24
N LEU A 791 -13.90 -4.30 2.83
CA LEU A 791 -14.81 -3.66 1.87
C LEU A 791 -14.60 -4.20 0.46
N GLN A 792 -13.33 -4.31 0.06
CA GLN A 792 -12.95 -4.93 -1.20
C GLN A 792 -13.62 -6.31 -1.33
N MET A 793 -13.64 -7.07 -0.23
CA MET A 793 -14.22 -8.41 -0.22
C MET A 793 -15.74 -8.42 -0.27
N ILE A 794 -16.38 -7.48 0.43
CA ILE A 794 -17.85 -7.31 0.36
C ILE A 794 -18.27 -6.84 -1.04
N GLN A 795 -17.46 -5.96 -1.63
CA GLN A 795 -17.68 -5.51 -3.00
C GLN A 795 -17.56 -6.68 -3.98
N LEU A 796 -16.58 -7.55 -3.76
CA LEU A 796 -16.40 -8.73 -4.60
C LEU A 796 -17.59 -9.67 -4.50
N MET A 797 -18.11 -9.86 -3.28
CA MET A 797 -19.33 -10.65 -3.05
C MET A 797 -20.52 -10.06 -3.81
N ASP A 798 -20.66 -8.73 -3.75
CA ASP A 798 -21.72 -8.00 -4.47
C ASP A 798 -21.64 -8.24 -5.98
N VAL A 799 -20.44 -8.16 -6.53
CA VAL A 799 -20.19 -8.46 -7.93
C VAL A 799 -20.56 -9.92 -8.21
N LEU A 800 -20.01 -10.82 -7.40
CA LEU A 800 -20.29 -12.26 -7.49
C LEU A 800 -21.79 -12.61 -7.41
N TRP A 801 -22.52 -11.94 -6.53
CA TRP A 801 -23.96 -12.10 -6.44
C TRP A 801 -24.66 -11.58 -7.70
N LYS A 802 -24.35 -10.33 -8.08
CA LYS A 802 -24.99 -9.65 -9.21
C LYS A 802 -24.93 -10.43 -10.53
N GLN A 803 -23.77 -11.04 -10.79
CA GLN A 803 -23.57 -11.94 -11.95
C GLN A 803 -24.58 -13.09 -12.04
N GLU A 804 -24.95 -13.66 -10.89
CA GLU A 804 -25.94 -14.74 -10.81
C GLU A 804 -27.41 -14.25 -10.73
N GLY A 805 -27.64 -12.96 -10.99
CA GLY A 805 -28.99 -12.36 -10.96
C GLY A 805 -29.52 -12.04 -9.58
N LEU A 806 -28.64 -11.59 -8.68
CA LEU A 806 -29.00 -11.27 -7.31
C LEU A 806 -28.38 -9.94 -6.91
N ASP A 807 -29.20 -8.90 -6.86
CA ASP A 807 -28.79 -7.57 -6.40
C ASP A 807 -29.32 -7.40 -4.98
N LEU A 808 -28.41 -7.41 -4.00
CA LEU A 808 -28.77 -7.24 -2.60
C LEU A 808 -28.53 -5.81 -2.08
N ARG A 809 -28.52 -4.82 -2.98
CA ARG A 809 -28.65 -3.41 -2.58
C ARG A 809 -27.56 -2.95 -1.61
N MET A 810 -26.33 -3.39 -1.86
CA MET A 810 -25.21 -3.08 -0.96
C MET A 810 -24.78 -1.64 -1.21
N THR A 811 -23.93 -1.13 -0.32
CA THR A 811 -23.32 0.18 -0.46
C THR A 811 -21.82 -0.06 -0.42
N PRO A 812 -21.21 -0.33 -1.58
CA PRO A 812 -19.78 -0.56 -1.64
C PRO A 812 -19.02 0.77 -1.71
N TYR A 813 -18.86 1.40 -0.55
CA TYR A 813 -18.28 2.74 -0.46
C TYR A 813 -16.76 2.69 -0.47
N GLY A 814 -16.15 3.80 -0.88
CA GLY A 814 -14.70 3.91 -1.02
C GLY A 814 -13.94 3.98 0.29
N CYS A 815 -12.76 3.38 0.29
CA CYS A 815 -11.83 3.42 1.43
C CYS A 815 -10.43 3.27 0.88
N LEU A 816 -9.56 4.22 1.21
CA LEU A 816 -8.27 4.35 0.55
C LEU A 816 -7.17 4.72 1.55
N PRO A 817 -6.26 3.79 1.86
CA PRO A 817 -5.05 4.19 2.55
C PRO A 817 -4.17 5.03 1.64
N THR A 818 -3.81 6.22 2.10
CA THR A 818 -2.97 7.16 1.38
C THR A 818 -1.56 7.28 1.99
N GLY A 819 -1.36 6.78 3.21
CA GLY A 819 -0.10 6.99 3.91
C GLY A 819 0.01 6.30 5.25
N ASP A 820 0.98 6.75 6.05
CA ASP A 820 1.26 6.22 7.39
C ASP A 820 0.10 6.51 8.33
N ARG A 821 -0.67 5.47 8.65
CA ARG A 821 -1.86 5.57 9.49
C ARG A 821 -2.79 6.69 9.01
N THR A 822 -2.96 6.80 7.69
CA THR A 822 -3.70 7.88 7.06
C THR A 822 -4.48 7.36 5.85
N GLY A 823 -5.71 7.83 5.71
CA GLY A 823 -6.55 7.47 4.56
C GLY A 823 -7.84 8.26 4.46
N LEU A 824 -8.67 7.88 3.49
CA LEU A 824 -9.96 8.50 3.24
C LEU A 824 -11.07 7.48 3.19
N ILE A 825 -12.27 7.90 3.60
CA ILE A 825 -13.50 7.14 3.41
C ILE A 825 -14.45 8.06 2.64
N GLU A 826 -15.14 7.49 1.65
CA GLU A 826 -16.17 8.20 0.90
C GLU A 826 -17.39 8.38 1.80
N VAL A 827 -17.89 9.61 1.91
CA VAL A 827 -19.11 9.87 2.67
C VAL A 827 -20.30 9.40 1.84
N VAL A 828 -21.23 8.73 2.51
CA VAL A 828 -22.48 8.30 1.91
C VAL A 828 -23.56 9.14 2.60
N LEU A 829 -24.19 10.03 1.84
CA LEU A 829 -25.13 11.02 2.38
C LEU A 829 -26.49 10.39 2.61
N ARG A 830 -27.34 11.13 3.32
CA ARG A 830 -28.68 10.69 3.66
C ARG A 830 -28.54 9.31 4.31
N SER A 831 -27.76 9.26 5.38
CA SER A 831 -27.48 8.04 6.12
C SER A 831 -26.95 8.39 7.50
N ASP A 832 -27.43 7.69 8.52
CA ASP A 832 -26.89 7.82 9.89
C ASP A 832 -26.76 6.44 10.53
N THR A 833 -26.06 6.37 11.66
CA THR A 833 -25.95 5.13 12.44
C THR A 833 -27.28 4.81 13.12
N ILE A 834 -27.56 3.53 13.33
CA ILE A 834 -28.82 3.10 13.96
C ILE A 834 -28.94 3.68 15.37
N ALA A 835 -27.83 3.75 16.10
CA ALA A 835 -27.79 4.35 17.45
C ALA A 835 -28.39 5.76 17.47
N ASN A 836 -27.99 6.59 16.51
CA ASN A 836 -28.49 7.97 16.38
C ASN A 836 -29.94 8.05 15.91
N ILE A 837 -30.33 7.18 14.97
CA ILE A 837 -31.74 7.06 14.53
C ILE A 837 -32.65 6.63 15.69
N GLN A 838 -32.17 5.69 16.52
CA GLN A 838 -32.88 5.26 17.73
C GLN A 838 -32.97 6.33 18.84
N LEU A 839 -32.13 7.36 18.78
CA LEU A 839 -32.21 8.52 19.66
C LEU A 839 -32.63 9.77 18.90
N ASP A 853 -39.00 0.02 16.84
CA ASP A 853 -39.94 1.14 16.86
C ASP A 853 -39.44 2.32 16.04
N ALA A 854 -38.28 2.83 16.43
CA ALA A 854 -37.72 4.09 15.88
C ALA A 854 -37.21 3.96 14.44
N LEU A 855 -36.62 2.80 14.10
CA LEU A 855 -36.15 2.54 12.73
C LEU A 855 -37.29 2.62 11.72
N LEU A 856 -38.39 1.94 12.03
CA LEU A 856 -39.55 1.90 11.15
C LEU A 856 -40.23 3.29 11.07
N ASN A 857 -40.24 4.03 12.17
CA ASN A 857 -40.67 5.44 12.17
C ASN A 857 -39.77 6.31 11.31
N TRP A 858 -38.46 6.09 11.42
CA TRP A 858 -37.49 6.84 10.63
C TRP A 858 -37.69 6.57 9.14
N LEU A 859 -37.84 5.30 8.77
CA LEU A 859 -38.12 4.93 7.38
C LEU A 859 -39.47 5.47 6.88
N LYS A 860 -40.46 5.52 7.77
CA LYS A 860 -41.77 6.12 7.45
C LYS A 860 -41.63 7.59 7.07
N SER A 861 -40.91 8.35 7.90
CA SER A 861 -40.70 9.79 7.65
C SER A 861 -39.88 10.07 6.39
N LYS A 862 -38.85 9.26 6.12
CA LYS A 862 -38.00 9.41 4.94
C LYS A 862 -38.58 8.75 3.67
N ASN A 863 -39.57 7.88 3.83
CA ASN A 863 -40.28 7.23 2.70
C ASN A 863 -41.80 7.23 2.94
N PRO A 864 -42.47 8.36 2.64
CA PRO A 864 -43.91 8.46 2.90
C PRO A 864 -44.77 7.77 1.84
N GLY A 865 -45.93 7.26 2.26
CA GLY A 865 -46.89 6.62 1.35
C GLY A 865 -46.43 5.27 0.82
N GLU A 866 -46.45 5.12 -0.50
CA GLU A 866 -46.12 3.85 -1.16
C GLU A 866 -44.61 3.57 -1.23
N ALA A 867 -43.79 4.59 -1.01
CA ALA A 867 -42.32 4.45 -0.97
C ALA A 867 -41.79 3.63 0.22
N LEU A 868 -42.61 3.42 1.26
CA LEU A 868 -42.20 2.64 2.43
C LEU A 868 -41.99 1.16 2.11
N ASP A 869 -42.86 0.60 1.26
CA ASP A 869 -42.70 -0.79 0.78
C ASP A 869 -41.39 -1.04 0.01
N ARG A 870 -40.91 -0.03 -0.72
CA ARG A 870 -39.57 -0.10 -1.35
C ARG A 870 -38.50 -0.15 -0.28
N ALA A 871 -38.56 0.80 0.66
CA ALA A 871 -37.55 0.94 1.71
C ALA A 871 -37.38 -0.29 2.60
N ILE A 872 -38.46 -1.05 2.81
CA ILE A 872 -38.39 -2.33 3.52
C ILE A 872 -37.70 -3.40 2.65
N GLU A 873 -38.03 -3.42 1.36
CA GLU A 873 -37.39 -4.34 0.41
C GLU A 873 -35.87 -4.06 0.32
N GLU A 874 -35.51 -2.78 0.28
CA GLU A 874 -34.10 -2.34 0.30
C GLU A 874 -33.40 -2.81 1.57
N PHE A 875 -34.06 -2.61 2.70
CA PHE A 875 -33.60 -3.05 4.02
C PHE A 875 -33.43 -4.57 4.09
N THR A 876 -34.44 -5.30 3.61
CA THR A 876 -34.44 -6.77 3.62
C THR A 876 -33.28 -7.33 2.80
N LEU A 877 -33.18 -6.87 1.56
CA LEU A 877 -32.13 -7.30 0.63
C LEU A 877 -30.73 -7.02 1.18
N SER A 878 -30.53 -5.80 1.67
CA SER A 878 -29.23 -5.41 2.23
C SER A 878 -28.92 -6.11 3.55
N CYS A 879 -29.92 -6.25 4.42
CA CYS A 879 -29.73 -6.99 5.67
C CYS A 879 -29.26 -8.42 5.39
N ALA A 880 -29.77 -9.02 4.31
CA ALA A 880 -29.35 -10.36 3.88
C ALA A 880 -27.85 -10.42 3.53
N GLY A 881 -27.43 -9.57 2.59
CA GLY A 881 -26.03 -9.49 2.14
C GLY A 881 -25.03 -9.26 3.26
N TYR A 882 -25.27 -8.20 4.05
CA TYR A 882 -24.41 -7.88 5.19
C TYR A 882 -24.51 -8.87 6.38
N CYS A 883 -25.59 -9.65 6.46
CA CYS A 883 -25.63 -10.78 7.42
C CYS A 883 -24.74 -11.93 6.98
N VAL A 884 -24.81 -12.28 5.70
CA VAL A 884 -24.01 -13.37 5.12
C VAL A 884 -22.54 -12.96 5.08
N ALA A 885 -22.28 -11.73 4.62
CA ALA A 885 -20.93 -11.20 4.51
C ALA A 885 -20.20 -11.23 5.84
N THR A 886 -20.79 -10.60 6.86
CA THR A 886 -20.17 -10.54 8.19
C THR A 886 -19.98 -11.90 8.85
N TYR A 887 -20.89 -12.84 8.57
CA TYR A 887 -20.75 -14.24 9.03
C TYR A 887 -19.54 -14.90 8.36
N VAL A 888 -19.53 -14.87 7.04
CA VAL A 888 -18.47 -15.49 6.23
C VAL A 888 -17.08 -14.95 6.58
N LEU A 889 -16.94 -13.63 6.63
CA LEU A 889 -15.66 -12.99 7.00
C LEU A 889 -15.33 -13.04 8.50
N GLY A 890 -16.31 -13.40 9.32
CA GLY A 890 -16.08 -13.59 10.75
C GLY A 890 -15.95 -12.28 11.48
N ILE A 891 -16.83 -11.33 11.16
CA ILE A 891 -16.76 -9.98 11.69
C ILE A 891 -17.75 -9.89 12.84
N GLY A 892 -17.22 -9.95 14.06
CA GLY A 892 -18.02 -9.78 15.27
C GLY A 892 -18.16 -8.33 15.66
N ASP A 893 -18.57 -8.10 16.90
CA ASP A 893 -18.68 -6.75 17.47
C ASP A 893 -19.65 -5.81 16.70
N ARG A 894 -20.67 -6.38 16.08
CA ARG A 894 -21.64 -5.63 15.28
C ARG A 894 -22.75 -5.06 16.16
N HIS A 895 -22.74 -3.74 16.31
CA HIS A 895 -23.74 -3.03 17.13
C HIS A 895 -24.29 -1.80 16.38
N SER A 896 -25.32 -1.17 16.95
CA SER A 896 -25.98 -0.02 16.32
C SER A 896 -25.10 1.24 16.17
N ASP A 897 -24.03 1.34 16.95
CA ASP A 897 -23.00 2.39 16.75
C ASP A 897 -22.16 2.24 15.47
N ASN A 898 -22.06 1.03 14.90
CA ASN A 898 -21.22 0.78 13.71
C ASN A 898 -21.97 0.14 12.53
N ILE A 899 -23.31 0.22 12.57
CA ILE A 899 -24.18 -0.17 11.46
C ILE A 899 -24.96 1.09 11.07
N MET A 900 -25.21 1.27 9.77
CA MET A 900 -25.86 2.47 9.27
C MET A 900 -27.00 2.13 8.32
N ILE A 901 -28.07 2.92 8.39
CA ILE A 901 -29.20 2.84 7.45
C ILE A 901 -29.11 4.05 6.52
N ARG A 902 -29.61 3.89 5.31
CA ARG A 902 -29.80 5.00 4.37
C ARG A 902 -31.28 5.39 4.28
N GLU A 903 -31.56 6.63 3.89
CA GLU A 903 -32.94 7.09 3.68
C GLU A 903 -33.69 6.21 2.68
N SER A 904 -32.96 5.70 1.68
CA SER A 904 -33.52 4.76 0.70
C SER A 904 -34.06 3.46 1.30
N GLY A 905 -33.60 3.09 2.50
CA GLY A 905 -33.90 1.81 3.14
C GLY A 905 -32.66 0.95 3.36
N GLN A 906 -31.59 1.22 2.63
CA GLN A 906 -30.41 0.35 2.60
C GLN A 906 -29.62 0.35 3.91
N LEU A 907 -29.30 -0.85 4.37
CA LEU A 907 -28.45 -1.06 5.53
C LEU A 907 -27.00 -1.27 5.05
N PHE A 908 -26.03 -0.76 5.80
CA PHE A 908 -24.61 -1.06 5.54
C PHE A 908 -23.76 -0.92 6.80
N HIS A 909 -22.52 -1.40 6.71
CA HIS A 909 -21.63 -1.58 7.87
C HIS A 909 -20.37 -0.72 7.78
N ILE A 910 -19.93 -0.20 8.93
CA ILE A 910 -18.73 0.63 9.02
C ILE A 910 -17.80 0.21 10.17
N ASP A 911 -16.57 0.73 10.14
CA ASP A 911 -15.54 0.47 11.15
C ASP A 911 -15.39 -1.03 11.41
N PHE A 912 -14.87 -1.72 10.40
CA PHE A 912 -14.57 -3.14 10.49
C PHE A 912 -13.22 -3.28 11.20
N GLY A 913 -13.26 -3.25 12.52
CA GLY A 913 -12.03 -3.28 13.33
C GLY A 913 -11.38 -4.65 13.34
N HIS A 914 -12.19 -5.66 13.66
CA HIS A 914 -11.74 -7.05 13.76
C HIS A 914 -12.47 -7.91 12.74
N PHE A 915 -11.85 -9.02 12.33
CA PHE A 915 -12.47 -10.03 11.44
C PHE A 915 -11.77 -11.40 11.52
N LEU A 916 -12.31 -12.39 10.82
CA LEU A 916 -11.88 -13.80 10.91
C LEU A 916 -11.84 -14.33 12.36
N GLY A 917 -12.89 -13.99 13.12
CA GLY A 917 -13.03 -14.42 14.51
C GLY A 917 -12.19 -13.71 15.56
N ASN A 918 -11.36 -12.76 15.14
CA ASN A 918 -10.34 -12.16 15.99
C ASN A 918 -10.77 -10.78 16.48
N GLU A 928 -12.03 -17.18 18.36
CA GLU A 928 -13.26 -17.96 18.50
C GLU A 928 -14.24 -17.69 17.35
N ARG A 929 -15.05 -18.69 17.01
CA ARG A 929 -15.96 -18.60 15.85
C ARG A 929 -17.15 -17.65 16.09
N VAL A 930 -17.34 -16.71 15.17
CA VAL A 930 -18.45 -15.76 15.22
C VAL A 930 -19.72 -16.43 14.70
N PRO A 931 -20.81 -16.45 15.50
CA PRO A 931 -22.06 -17.04 15.00
C PRO A 931 -22.73 -16.18 13.95
N PHE A 932 -23.67 -16.77 13.20
CA PHE A 932 -24.57 -16.01 12.32
C PHE A 932 -25.52 -15.25 13.25
N ILE A 933 -25.80 -13.98 12.90
CA ILE A 933 -26.48 -13.05 13.82
C ILE A 933 -27.67 -12.36 13.16
N LEU A 934 -28.85 -12.58 13.74
CA LEU A 934 -30.06 -11.85 13.40
C LEU A 934 -30.41 -10.96 14.58
N THR A 935 -30.57 -9.65 14.32
CA THR A 935 -30.99 -8.70 15.35
C THR A 935 -32.50 -8.54 15.31
N TYR A 936 -33.13 -8.67 16.48
CA TYR A 936 -34.60 -8.51 16.62
C TYR A 936 -35.10 -7.28 15.88
N ASP A 937 -34.47 -6.14 16.16
CA ASP A 937 -34.84 -4.85 15.54
C ASP A 937 -34.93 -4.90 14.00
N PHE A 938 -34.00 -5.62 13.38
CA PHE A 938 -33.98 -5.78 11.91
C PHE A 938 -35.07 -6.75 11.42
N VAL A 939 -35.28 -7.83 12.17
CA VAL A 939 -36.34 -8.82 11.84
C VAL A 939 -37.72 -8.15 11.87
N HIS A 940 -37.94 -7.31 12.88
CA HIS A 940 -39.16 -6.53 13.03
C HIS A 940 -39.46 -5.69 11.78
N VAL A 941 -38.41 -5.03 11.27
CA VAL A 941 -38.51 -4.20 10.07
C VAL A 941 -38.68 -5.04 8.80
N ILE A 942 -37.96 -6.17 8.73
CA ILE A 942 -38.12 -7.15 7.63
C ILE A 942 -39.56 -7.63 7.50
N GLN A 943 -40.20 -7.93 8.64
CA GLN A 943 -41.59 -8.40 8.67
C GLN A 943 -42.67 -7.30 8.60
N GLN A 944 -42.26 -6.06 8.30
CA GLN A 944 -43.16 -4.92 8.12
C GLN A 944 -43.89 -4.52 9.41
N GLY A 945 -43.17 -4.62 10.53
CA GLY A 945 -43.70 -4.26 11.84
C GLY A 945 -44.65 -5.25 12.52
N LYS A 946 -44.80 -6.44 11.94
CA LYS A 946 -45.70 -7.47 12.48
C LYS A 946 -44.94 -8.43 13.40
N THR A 947 -45.68 -9.10 14.28
CA THR A 947 -45.14 -10.20 15.10
C THR A 947 -44.80 -11.39 14.20
N ASN A 948 -45.72 -11.72 13.28
CA ASN A 948 -45.62 -12.90 12.44
C ASN A 948 -45.99 -12.61 10.97
N ASN A 949 -44.96 -12.53 10.13
CA ASN A 949 -45.09 -12.37 8.68
C ASN A 949 -44.16 -13.39 8.04
N SER A 950 -44.65 -14.62 7.91
CA SER A 950 -43.83 -15.74 7.44
C SER A 950 -43.47 -15.64 5.97
N GLU A 951 -44.41 -15.13 5.16
CA GLU A 951 -44.18 -14.97 3.72
C GLU A 951 -43.01 -14.05 3.42
N LYS A 952 -42.95 -12.91 4.11
CA LYS A 952 -41.83 -11.97 3.96
C LYS A 952 -40.53 -12.52 4.54
N PHE A 953 -40.60 -13.06 5.75
CA PHE A 953 -39.42 -13.60 6.44
C PHE A 953 -38.82 -14.83 5.74
N GLU A 954 -39.65 -15.60 5.03
CA GLU A 954 -39.17 -16.71 4.18
C GLU A 954 -38.38 -16.21 2.97
N ARG A 955 -38.88 -15.16 2.31
CA ARG A 955 -38.14 -14.51 1.21
C ARG A 955 -36.78 -14.00 1.66
N PHE A 956 -36.73 -13.47 2.89
CA PHE A 956 -35.49 -13.01 3.52
C PHE A 956 -34.54 -14.15 3.81
N ARG A 957 -35.08 -15.27 4.28
CA ARG A 957 -34.28 -16.50 4.50
C ARG A 957 -33.69 -17.01 3.18
N GLY A 958 -34.49 -16.95 2.11
CA GLY A 958 -34.06 -17.37 0.78
C GLY A 958 -32.92 -16.54 0.21
N TYR A 959 -32.94 -15.24 0.50
CA TYR A 959 -31.88 -14.33 0.07
C TYR A 959 -30.55 -14.68 0.76
N CYS A 960 -30.59 -14.89 2.06
CA CYS A 960 -29.41 -15.31 2.82
C CYS A 960 -28.83 -16.62 2.26
N GLU A 961 -29.69 -17.62 2.12
CA GLU A 961 -29.29 -18.93 1.58
C GLU A 961 -28.74 -18.87 0.15
N ARG A 962 -29.39 -18.10 -0.72
CA ARG A 962 -28.91 -17.88 -2.09
C ARG A 962 -27.54 -17.21 -2.08
N ALA A 963 -27.44 -16.10 -1.34
CA ALA A 963 -26.19 -15.38 -1.16
C ALA A 963 -25.07 -16.31 -0.72
N TYR A 964 -25.31 -17.00 0.40
CA TYR A 964 -24.35 -17.94 0.97
C TYR A 964 -23.96 -19.07 0.00
N THR A 965 -24.93 -19.55 -0.79
CA THR A 965 -24.67 -20.57 -1.81
C THR A 965 -23.66 -20.10 -2.85
N ILE A 966 -23.85 -18.88 -3.34
CA ILE A 966 -23.02 -18.31 -4.41
C ILE A 966 -21.56 -18.09 -3.95
N LEU A 967 -21.37 -17.63 -2.71
CA LEU A 967 -20.00 -17.47 -2.17
C LEU A 967 -19.23 -18.79 -2.01
N ARG A 968 -19.94 -19.88 -1.72
CA ARG A 968 -19.34 -21.22 -1.72
C ARG A 968 -18.85 -21.63 -3.11
N ARG A 969 -19.66 -21.35 -4.13
CA ARG A 969 -19.26 -21.62 -5.52
C ARG A 969 -17.93 -20.96 -5.90
N HIS A 970 -17.62 -19.79 -5.33
CA HIS A 970 -16.34 -19.08 -5.54
C HIS A 970 -15.45 -19.11 -4.29
N GLY A 971 -15.41 -20.25 -3.61
CA GLY A 971 -14.71 -20.37 -2.34
C GLY A 971 -13.20 -20.29 -2.44
N LEU A 972 -12.63 -20.97 -3.43
CA LEU A 972 -11.19 -20.98 -3.63
C LEU A 972 -10.63 -19.60 -3.98
N LEU A 973 -11.43 -18.82 -4.70
CA LEU A 973 -11.05 -17.43 -5.03
C LEU A 973 -10.79 -16.64 -3.75
N PHE A 974 -11.74 -16.71 -2.82
CA PHE A 974 -11.57 -16.10 -1.51
C PHE A 974 -10.38 -16.67 -0.75
N LEU A 975 -10.19 -17.98 -0.79
CA LEU A 975 -9.03 -18.61 -0.13
C LEU A 975 -7.70 -18.16 -0.73
N HIS A 976 -7.64 -18.05 -2.06
CA HIS A 976 -6.42 -17.63 -2.75
C HIS A 976 -6.11 -16.16 -2.52
N LEU A 977 -7.12 -15.30 -2.65
CA LEU A 977 -6.93 -13.86 -2.40
C LEU A 977 -6.46 -13.61 -0.96
N PHE A 978 -7.12 -14.24 0.01
CA PHE A 978 -6.69 -14.18 1.41
C PHE A 978 -5.28 -14.71 1.65
N ALA A 979 -4.94 -15.85 1.06
CA ALA A 979 -3.59 -16.43 1.19
C ALA A 979 -2.47 -15.49 0.74
N LEU A 980 -2.71 -14.70 -0.30
CA LEU A 980 -1.76 -13.69 -0.77
C LEU A 980 -1.68 -12.49 0.19
N MET A 981 -2.80 -12.10 0.81
CA MET A 981 -2.80 -11.03 1.85
C MET A 981 -1.96 -11.32 3.10
N ARG A 982 -1.60 -12.58 3.34
CA ARG A 982 -0.62 -12.88 4.37
C ARG A 982 0.72 -12.17 4.14
N ALA A 983 0.97 -11.74 2.89
CA ALA A 983 2.07 -10.81 2.58
C ALA A 983 1.99 -9.48 3.33
N ALA A 984 0.79 -8.88 3.38
CA ALA A 984 0.56 -7.59 4.06
C ALA A 984 0.88 -7.58 5.55
N GLY A 985 0.82 -8.75 6.19
CA GLY A 985 1.19 -8.89 7.60
C GLY A 985 0.28 -8.09 8.52
N LEU A 986 -1.02 -8.20 8.28
CA LEU A 986 -2.02 -7.61 9.17
C LEU A 986 -2.05 -8.49 10.42
N PRO A 987 -2.29 -7.87 11.60
CA PRO A 987 -2.41 -8.65 12.85
C PRO A 987 -3.33 -9.87 12.74
N GLU A 988 -4.49 -9.69 12.12
CA GLU A 988 -5.53 -10.72 12.03
C GLU A 988 -5.55 -11.53 10.73
N LEU A 989 -4.42 -11.57 10.02
CA LEU A 989 -4.27 -12.42 8.83
C LEU A 989 -2.80 -12.74 8.61
N SER A 990 -2.31 -13.67 9.42
CA SER A 990 -0.89 -14.01 9.50
C SER A 990 -0.54 -15.49 9.29
N CYS A 991 -1.53 -16.37 9.14
CA CYS A 991 -1.27 -17.82 9.12
C CYS A 991 -2.41 -18.67 8.54
N SER A 992 -2.12 -19.96 8.38
CA SER A 992 -3.09 -20.96 7.91
C SER A 992 -4.38 -21.06 8.74
N LYS A 993 -4.29 -20.80 10.04
CA LYS A 993 -5.47 -20.76 10.93
C LYS A 993 -6.47 -19.68 10.52
N ASP A 994 -5.96 -18.51 10.12
CA ASP A 994 -6.81 -17.41 9.62
C ASP A 994 -7.50 -17.80 8.33
N ILE A 995 -6.77 -18.47 7.44
CA ILE A 995 -7.30 -18.96 6.16
C ILE A 995 -8.35 -20.03 6.42
N GLN A 996 -8.02 -20.96 7.32
CA GLN A 996 -8.90 -22.08 7.72
C GLN A 996 -10.29 -21.62 8.17
N TYR A 997 -10.36 -20.45 8.81
CA TYR A 997 -11.63 -19.82 9.19
C TYR A 997 -12.61 -19.70 8.02
N LEU A 998 -12.12 -19.23 6.88
CA LEU A 998 -12.94 -19.10 5.68
C LEU A 998 -13.38 -20.45 5.11
N LYS A 999 -12.50 -21.46 5.18
CA LYS A 999 -12.88 -22.82 4.74
C LYS A 999 -14.09 -23.32 5.51
N ASP A 1000 -14.03 -23.17 6.84
CA ASP A 1000 -15.09 -23.64 7.74
C ASP A 1000 -16.37 -22.78 7.69
N SER A 1001 -16.23 -21.46 7.54
CA SER A 1001 -17.40 -20.58 7.39
C SER A 1001 -18.16 -20.85 6.09
N LEU A 1002 -17.42 -21.09 4.99
CA LEU A 1002 -18.01 -21.48 3.70
C LEU A 1002 -18.19 -23.01 3.53
N ALA A 1003 -17.83 -23.80 4.54
CA ALA A 1003 -18.03 -25.25 4.49
C ALA A 1003 -17.53 -25.84 3.18
N LEU A 1004 -16.31 -25.50 2.80
CA LEU A 1004 -15.72 -25.95 1.54
C LEU A 1004 -15.28 -27.42 1.55
N GLY A 1005 -15.21 -28.03 2.74
CA GLY A 1005 -14.99 -29.48 2.88
C GLY A 1005 -16.27 -30.30 3.04
N LYS A 1006 -17.41 -29.74 2.61
CA LYS A 1006 -18.70 -30.42 2.63
C LYS A 1006 -19.33 -30.42 1.24
N THR A 1007 -20.39 -31.19 1.07
CA THR A 1007 -21.22 -31.10 -0.13
C THR A 1007 -22.08 -29.86 -0.05
N GLU A 1008 -22.67 -29.48 -1.19
CA GLU A 1008 -23.49 -28.27 -1.27
C GLU A 1008 -24.75 -28.33 -0.40
N GLU A 1009 -25.37 -29.50 -0.30
CA GLU A 1009 -26.56 -29.68 0.53
C GLU A 1009 -26.23 -29.82 2.01
N GLU A 1010 -25.15 -30.52 2.35
CA GLU A 1010 -24.68 -30.63 3.74
C GLU A 1010 -24.35 -29.26 4.31
N ALA A 1011 -23.62 -28.47 3.54
CA ALA A 1011 -23.29 -27.09 3.89
C ALA A 1011 -24.54 -26.24 4.12
N LEU A 1012 -25.51 -26.37 3.22
CA LEU A 1012 -26.75 -25.59 3.27
C LEU A 1012 -27.65 -25.97 4.47
N LYS A 1013 -27.59 -27.22 4.91
CA LYS A 1013 -28.31 -27.68 6.10
C LYS A 1013 -27.71 -27.17 7.40
N HIS A 1014 -26.39 -26.97 7.43
CA HIS A 1014 -25.74 -26.37 8.60
C HIS A 1014 -26.01 -24.87 8.65
N PHE A 1015 -26.00 -24.22 7.50
CA PHE A 1015 -26.41 -22.81 7.41
C PHE A 1015 -27.83 -22.56 7.93
N ARG A 1016 -28.76 -23.47 7.61
CA ARG A 1016 -30.15 -23.40 8.12
C ARG A 1016 -30.21 -23.56 9.64
N VAL A 1017 -29.39 -24.45 10.18
CA VAL A 1017 -29.28 -24.66 11.64
C VAL A 1017 -28.63 -23.45 12.33
N LYS A 1018 -27.63 -22.85 11.67
CA LYS A 1018 -27.06 -21.57 12.13
C LYS A 1018 -28.13 -20.48 12.10
N PHE A 1019 -28.81 -20.34 10.95
CA PHE A 1019 -29.92 -19.39 10.74
C PHE A 1019 -31.00 -19.50 11.81
N ASN A 1020 -31.55 -20.70 11.96
CA ASN A 1020 -32.69 -20.94 12.87
C ASN A 1020 -32.35 -20.70 14.34
N GLU A 1021 -31.13 -21.05 14.75
CA GLU A 1021 -30.66 -20.82 16.12
C GLU A 1021 -30.31 -19.35 16.36
N ALA A 1022 -29.89 -18.64 15.32
CA ALA A 1022 -29.74 -17.18 15.35
C ALA A 1022 -31.09 -16.46 15.50
N LEU A 1023 -32.15 -17.02 14.93
CA LEU A 1023 -33.50 -16.49 15.10
C LEU A 1023 -33.99 -16.70 16.55
N ARG A 1024 -33.68 -17.86 17.12
CA ARG A 1024 -33.99 -18.15 18.52
C ARG A 1024 -33.21 -17.25 19.47
N GLU A 1025 -31.92 -17.09 19.20
CA GLU A 1025 -31.04 -16.23 20.01
C GLU A 1025 -31.44 -14.75 19.96
N SER A 1026 -32.06 -14.34 18.85
CA SER A 1026 -32.53 -12.95 18.67
C SER A 1026 -33.47 -12.47 19.78
N TRP A 1027 -34.37 -13.34 20.23
CA TRP A 1027 -35.36 -12.98 21.27
C TRP A 1027 -34.72 -12.48 22.58
N LYS A 1028 -33.59 -13.09 22.95
CA LYS A 1028 -32.89 -12.76 24.20
C LYS A 1028 -31.48 -12.28 23.92
N GLN B 3 8.07 -45.34 32.31
CA GLN B 3 8.81 -45.50 31.02
C GLN B 3 8.93 -44.18 30.25
N GLN B 4 7.84 -43.40 30.22
CA GLN B 4 7.83 -42.05 29.65
C GLN B 4 8.13 -40.99 30.72
N ASP B 5 9.38 -40.53 30.76
CA ASP B 5 9.83 -39.47 31.65
C ASP B 5 9.71 -38.11 30.95
N GLN B 6 8.97 -37.19 31.54
CA GLN B 6 8.75 -35.85 30.98
C GLN B 6 8.81 -34.77 32.07
N ASP B 11 -0.50 -31.66 41.03
CA ASP B 11 -1.20 -30.48 41.51
C ASP B 11 -2.69 -30.50 41.10
N ASN B 12 -3.56 -29.98 41.98
CA ASN B 12 -5.02 -29.99 41.73
C ASN B 12 -5.45 -28.98 40.65
N ILE B 13 -6.61 -29.22 40.04
CA ILE B 13 -7.10 -28.40 38.92
C ILE B 13 -7.27 -26.91 39.27
N GLU B 14 -7.89 -26.62 40.40
CA GLU B 14 -8.10 -25.23 40.84
C GLU B 14 -6.78 -24.49 41.03
N ALA B 15 -5.80 -25.18 41.62
CA ALA B 15 -4.47 -24.62 41.84
C ALA B 15 -3.72 -24.34 40.53
N VAL B 16 -3.86 -25.24 39.55
CA VAL B 16 -3.27 -25.06 38.20
C VAL B 16 -4.03 -23.99 37.39
N GLY B 17 -5.34 -23.87 37.63
CA GLY B 17 -6.14 -22.79 37.05
C GLY B 17 -5.82 -21.40 37.61
N LYS B 18 -5.54 -21.35 38.91
CA LYS B 18 -5.10 -20.11 39.56
C LYS B 18 -3.79 -19.61 38.98
N LYS B 19 -2.87 -20.54 38.68
CA LYS B 19 -1.60 -20.22 38.04
C LYS B 19 -1.77 -19.86 36.56
N LEU B 20 -2.74 -20.47 35.89
CA LEU B 20 -3.07 -20.10 34.50
C LEU B 20 -3.58 -18.66 34.44
N HIS B 21 -4.35 -18.22 35.44
CA HIS B 21 -4.81 -16.83 35.51
C HIS B 21 -3.61 -15.90 35.66
N GLU B 22 -2.77 -16.17 36.66
CA GLU B 22 -1.52 -15.43 36.89
C GLU B 22 -0.61 -15.31 35.65
N TYR B 23 -0.18 -16.45 35.10
CA TYR B 23 0.76 -16.44 33.98
C TYR B 23 0.22 -15.74 32.71
N ASN B 24 -1.09 -15.83 32.48
CA ASN B 24 -1.73 -15.09 31.38
C ASN B 24 -1.73 -13.57 31.64
N THR B 25 -1.92 -13.17 32.89
CA THR B 25 -1.83 -11.76 33.28
C THR B 25 -0.41 -11.25 33.08
N GLN B 26 0.56 -11.94 33.71
CA GLN B 26 1.99 -11.61 33.57
C GLN B 26 2.44 -11.56 32.10
N PHE B 27 1.83 -12.39 31.27
CA PHE B 27 2.06 -12.38 29.82
C PHE B 27 1.51 -11.12 29.17
N GLN B 28 0.24 -10.83 29.42
CA GLN B 28 -0.42 -9.67 28.83
C GLN B 28 0.20 -8.34 29.25
N GLU B 29 0.68 -8.25 30.48
CA GLU B 29 1.48 -7.10 30.92
C GLU B 29 2.75 -6.98 30.09
N LYS B 30 3.52 -8.07 30.01
CA LYS B 30 4.78 -8.09 29.25
C LYS B 30 4.57 -7.82 27.75
N SER B 31 3.48 -8.33 27.18
CA SER B 31 3.09 -8.03 25.78
C SER B 31 2.85 -6.54 25.55
N ARG B 32 2.04 -5.93 26.42
CA ARG B 32 1.79 -4.49 26.37
C ARG B 32 3.07 -3.66 26.52
N GLU B 33 4.02 -4.16 27.33
CA GLU B 33 5.31 -3.50 27.50
C GLU B 33 6.13 -3.56 26.22
N TYR B 34 6.29 -4.76 25.65
CA TYR B 34 7.06 -4.93 24.41
C TYR B 34 6.47 -4.09 23.27
N ASP B 35 5.14 -4.07 23.16
CA ASP B 35 4.45 -3.30 22.12
C ASP B 35 4.67 -1.77 22.26
N ARG B 36 4.79 -1.29 23.50
CA ARG B 36 5.16 0.10 23.78
C ARG B 36 6.57 0.41 23.26
N LEU B 37 7.51 -0.50 23.54
CA LEU B 37 8.88 -0.33 23.03
C LEU B 37 8.96 -0.43 21.52
N TYR B 38 8.14 -1.29 20.92
CA TYR B 38 8.14 -1.45 19.47
C TYR B 38 7.55 -0.23 18.74
N GLU B 39 6.60 0.46 19.37
CA GLU B 39 6.20 1.80 18.91
C GLU B 39 7.40 2.76 18.93
N ASP B 40 8.11 2.80 20.06
CA ASP B 40 9.28 3.68 20.20
C ASP B 40 10.37 3.36 19.19
N TYR B 41 10.65 2.07 19.01
CA TYR B 41 11.60 1.60 18.00
C TYR B 41 11.23 2.12 16.62
N THR B 42 10.01 1.83 16.18
CA THR B 42 9.51 2.24 14.86
C THR B 42 9.44 3.75 14.70
N ARG B 43 8.96 4.45 15.73
CA ARG B 43 8.92 5.91 15.75
C ARG B 43 10.33 6.51 15.60
N THR B 44 11.24 6.05 16.45
CA THR B 44 12.59 6.58 16.49
C THR B 44 13.34 6.25 15.19
N SER B 45 13.14 5.05 14.65
CA SER B 45 13.63 4.70 13.31
C SER B 45 13.23 5.74 12.25
N GLN B 46 11.97 6.18 12.30
CA GLN B 46 11.47 7.22 11.39
C GLN B 46 12.09 8.59 11.67
N GLU B 47 12.20 8.97 12.95
CA GLU B 47 12.83 10.24 13.34
C GLU B 47 14.31 10.34 12.94
N ILE B 48 15.02 9.20 13.02
CA ILE B 48 16.43 9.11 12.61
C ILE B 48 16.61 9.25 11.10
N GLN B 49 15.73 8.63 10.32
CA GLN B 49 15.75 8.76 8.86
C GLN B 49 15.46 10.21 8.43
N MET B 50 14.55 10.87 9.14
CA MET B 50 14.27 12.29 8.92
C MET B 50 15.48 13.19 9.22
N LYS B 51 16.20 12.88 10.29
CA LYS B 51 17.47 13.57 10.60
C LYS B 51 18.58 13.23 9.62
N ARG B 52 18.62 11.99 9.14
CA ARG B 52 19.64 11.56 8.16
C ARG B 52 19.49 12.19 6.78
N THR B 53 18.27 12.61 6.41
CA THR B 53 18.03 13.35 5.15
C THR B 53 17.98 14.87 5.35
N ALA B 54 17.64 15.32 6.56
CA ALA B 54 17.78 16.75 6.90
C ALA B 54 19.25 17.19 6.90
N ILE B 55 20.15 16.30 7.35
CA ILE B 55 21.59 16.54 7.29
C ILE B 55 22.06 16.59 5.83
N GLU B 56 21.52 15.71 5.00
CA GLU B 56 21.79 15.79 3.56
C GLU B 56 21.35 17.15 2.98
N ALA B 57 20.19 17.65 3.42
CA ALA B 57 19.72 18.99 3.00
C ALA B 57 20.62 20.12 3.51
N PHE B 58 21.23 19.94 4.68
CA PHE B 58 22.27 20.88 5.15
C PHE B 58 23.53 20.86 4.28
N ASN B 59 23.94 19.67 3.85
CA ASN B 59 25.12 19.49 3.00
C ASN B 59 24.91 20.13 1.65
N GLU B 60 23.77 19.83 1.04
CA GLU B 60 23.40 20.36 -0.26
C GLU B 60 23.20 21.89 -0.24
N THR B 61 22.78 22.45 0.90
CA THR B 61 22.69 23.91 1.07
C THR B 61 24.10 24.49 1.19
N ILE B 62 24.86 23.96 2.12
CA ILE B 62 26.25 24.37 2.37
C ILE B 62 27.14 24.20 1.12
N LYS B 63 26.80 23.22 0.27
CA LYS B 63 27.45 23.05 -1.03
C LYS B 63 27.14 24.26 -1.94
N ILE B 64 25.87 24.64 -2.00
CA ILE B 64 25.42 25.78 -2.82
C ILE B 64 26.01 27.13 -2.37
N PHE B 65 26.11 27.35 -1.06
CA PHE B 65 26.77 28.55 -0.54
C PHE B 65 28.27 28.60 -0.90
N GLU B 66 28.92 27.45 -0.94
CA GLU B 66 30.33 27.38 -1.31
C GLU B 66 30.56 27.55 -2.81
N GLU B 67 29.62 27.07 -3.64
CA GLU B 67 29.64 27.40 -5.08
C GLU B 67 29.55 28.91 -5.28
N GLN B 68 28.70 29.56 -4.49
CA GLN B 68 28.60 31.02 -4.50
C GLN B 68 29.94 31.69 -4.15
N CYS B 69 30.65 31.17 -3.15
CA CYS B 69 31.96 31.74 -2.78
C CYS B 69 32.98 31.59 -3.90
N GLN B 70 33.01 30.42 -4.52
CA GLN B 70 33.84 30.19 -5.71
C GLN B 70 33.52 31.22 -6.80
N THR B 71 32.22 31.41 -7.06
CA THR B 71 31.75 32.39 -8.04
C THR B 71 32.14 33.80 -7.67
N GLN B 72 31.97 34.16 -6.40
CA GLN B 72 32.31 35.50 -5.92
C GLN B 72 33.77 35.86 -6.20
N GLU B 73 34.67 34.89 -6.07
CA GLU B 73 36.10 35.11 -6.26
C GLU B 73 36.48 35.14 -7.74
N ARG B 74 36.02 34.14 -8.51
CA ARG B 74 36.28 34.09 -9.95
C ARG B 74 35.69 35.30 -10.68
N TYR B 75 34.48 35.70 -10.29
CA TYR B 75 33.77 36.78 -10.96
C TYR B 75 34.33 38.15 -10.61
N SER B 76 34.65 38.35 -9.33
CA SER B 76 35.18 39.64 -8.86
C SER B 76 36.64 39.87 -9.26
N LYS B 77 37.45 38.81 -9.30
CA LYS B 77 38.88 38.90 -9.70
C LYS B 77 39.05 39.58 -11.06
N GLU B 78 38.30 39.11 -12.06
CA GLU B 78 38.34 39.65 -13.43
C GLU B 78 37.69 41.03 -13.60
N TYR B 79 36.97 41.49 -12.58
CA TYR B 79 36.20 42.73 -12.61
C TYR B 79 36.84 43.85 -11.76
N ILE B 80 37.19 43.52 -10.53
CA ILE B 80 37.53 44.49 -9.47
C ILE B 80 38.74 45.41 -9.76
N GLU B 81 39.64 44.95 -10.62
CA GLU B 81 40.77 45.76 -11.11
C GLU B 81 40.35 47.07 -11.78
N LYS B 82 39.18 47.09 -12.42
CA LYS B 82 38.61 48.31 -13.03
C LYS B 82 38.22 49.37 -12.01
N PHE B 83 37.61 48.97 -10.89
CA PHE B 83 37.28 49.90 -9.80
C PHE B 83 38.51 50.47 -9.06
N LYS B 84 39.63 49.74 -9.08
CA LYS B 84 40.88 50.19 -8.45
C LYS B 84 41.54 51.30 -9.26
N ARG B 85 41.76 51.02 -10.55
CA ARG B 85 42.38 51.99 -11.47
C ARG B 85 41.48 53.19 -11.79
N GLU B 86 40.17 53.00 -11.74
CA GLU B 86 39.20 54.09 -11.94
C GLU B 86 38.71 54.74 -10.63
N GLY B 87 39.52 54.67 -9.56
CA GLY B 87 39.28 55.48 -8.36
C GLY B 87 38.34 54.93 -7.30
N ASN B 88 37.35 54.11 -7.71
CA ASN B 88 36.31 53.62 -6.79
C ASN B 88 36.86 52.61 -5.79
N GLU B 89 37.42 53.13 -4.71
CA GLU B 89 37.76 52.33 -3.53
C GLU B 89 36.48 51.92 -2.78
N THR B 90 35.44 52.76 -2.90
CA THR B 90 34.16 52.52 -2.23
C THR B 90 33.32 51.37 -2.82
N GLU B 91 33.36 51.19 -4.16
CA GLU B 91 32.67 50.08 -4.83
C GLU B 91 33.41 48.74 -4.61
N ILE B 92 34.74 48.80 -4.50
CA ILE B 92 35.55 47.66 -4.05
C ILE B 92 35.08 47.23 -2.66
N GLN B 93 35.03 48.20 -1.74
CA GLN B 93 34.70 47.90 -0.34
C GLN B 93 33.27 47.39 -0.14
N ARG B 94 32.36 47.82 -1.02
CA ARG B 94 30.99 47.28 -1.08
C ARG B 94 30.98 45.79 -1.39
N ILE B 95 31.69 45.42 -2.46
CA ILE B 95 31.81 44.02 -2.89
C ILE B 95 32.37 43.14 -1.78
N MET B 96 33.41 43.61 -1.10
CA MET B 96 34.06 42.82 -0.04
C MET B 96 33.20 42.67 1.20
N HIS B 97 32.52 43.73 1.62
CA HIS B 97 31.61 43.64 2.77
C HIS B 97 30.47 42.66 2.49
N ASN B 98 29.90 42.76 1.29
CA ASN B 98 28.86 41.84 0.83
C ASN B 98 29.32 40.37 0.82
N TYR B 99 30.60 40.15 0.58
CA TYR B 99 31.19 38.81 0.61
C TYR B 99 31.46 38.35 2.04
N GLU B 100 31.92 39.24 2.91
CA GLU B 100 32.09 38.89 4.33
C GLU B 100 30.74 38.61 4.98
N LYS B 101 29.69 39.30 4.49
CA LYS B 101 28.31 39.03 4.88
C LYS B 101 27.84 37.63 4.45
N LEU B 102 28.26 37.17 3.27
CA LEU B 102 28.02 35.80 2.78
C LEU B 102 28.74 34.77 3.66
N LYS B 103 30.05 34.96 3.83
CA LYS B 103 30.87 34.06 4.66
C LYS B 103 30.30 33.91 6.08
N SER B 104 29.89 35.04 6.66
CA SER B 104 29.33 35.06 8.03
C SER B 104 28.04 34.23 8.15
N ARG B 105 27.24 34.23 7.09
CA ARG B 105 26.00 33.44 7.03
C ARG B 105 26.26 31.91 6.99
N ILE B 106 27.26 31.48 6.22
CA ILE B 106 27.67 30.05 6.18
C ILE B 106 27.98 29.52 7.59
N SER B 107 28.64 30.33 8.42
CA SER B 107 28.94 29.95 9.81
C SER B 107 27.69 29.61 10.63
N GLU B 108 26.58 30.31 10.39
CA GLU B 108 25.29 30.00 11.03
C GLU B 108 24.76 28.66 10.56
N ILE B 109 24.79 28.45 9.24
CA ILE B 109 24.26 27.22 8.64
C ILE B 109 25.10 26.00 9.08
N VAL B 110 26.43 26.15 9.11
CA VAL B 110 27.32 25.10 9.63
C VAL B 110 27.03 24.79 11.10
N ASP B 111 26.84 25.84 11.90
CA ASP B 111 26.53 25.71 13.33
C ASP B 111 25.22 24.95 13.57
N SER B 112 24.21 25.24 12.75
CA SER B 112 22.92 24.56 12.85
C SER B 112 23.01 23.11 12.37
N ARG B 113 23.90 22.82 11.43
CA ARG B 113 24.19 21.44 11.03
C ARG B 113 24.89 20.67 12.15
N ARG B 114 25.84 21.33 12.81
CA ARG B 114 26.48 20.78 14.01
C ARG B 114 25.43 20.39 15.07
N ARG B 115 24.47 21.29 15.34
CA ARG B 115 23.42 21.04 16.35
C ARG B 115 22.55 19.81 16.01
N LEU B 116 22.19 19.66 14.74
CA LEU B 116 21.44 18.48 14.26
C LEU B 116 22.26 17.20 14.40
N GLU B 117 23.49 17.21 13.88
CA GLU B 117 24.46 16.12 14.09
C GLU B 117 24.62 15.69 15.55
N GLU B 118 24.55 16.64 16.48
CA GLU B 118 24.56 16.33 17.91
C GLU B 118 23.30 15.57 18.36
N ASP B 119 22.12 16.00 17.89
CA ASP B 119 20.85 15.36 18.25
C ASP B 119 20.72 13.94 17.70
N LEU B 120 21.11 13.75 16.44
CA LEU B 120 21.14 12.44 15.79
C LEU B 120 22.18 11.49 16.43
N LYS B 121 23.23 12.05 17.04
CA LYS B 121 24.17 11.24 17.85
C LYS B 121 23.46 10.73 19.10
N LYS B 122 22.74 11.63 19.76
CA LYS B 122 21.91 11.26 20.92
C LYS B 122 20.78 10.28 20.59
N GLN B 123 20.09 10.50 19.47
CA GLN B 123 18.94 9.65 19.10
C GLN B 123 19.36 8.26 18.61
N ALA B 124 20.58 8.16 18.07
CA ALA B 124 21.15 6.85 17.71
C ALA B 124 21.46 6.02 18.96
N ALA B 125 21.89 6.69 20.04
CA ALA B 125 22.09 6.05 21.35
C ALA B 125 20.78 5.60 22.00
N GLU B 126 19.72 6.40 21.82
CA GLU B 126 18.37 6.05 22.28
C GLU B 126 17.86 4.82 21.53
N TYR B 127 17.98 4.83 20.20
CA TYR B 127 17.58 3.70 19.36
C TYR B 127 18.19 2.40 19.89
N ARG B 128 19.52 2.39 20.02
CA ARG B 128 20.26 1.20 20.47
C ARG B 128 19.84 0.75 21.86
N GLU B 129 19.55 1.71 22.75
CA GLU B 129 19.06 1.41 24.09
C GLU B 129 17.66 0.78 24.07
N ILE B 130 16.77 1.34 23.26
CA ILE B 130 15.41 0.79 23.09
C ILE B 130 15.50 -0.65 22.58
N ASP B 131 16.30 -0.85 21.53
CA ASP B 131 16.54 -2.18 20.95
C ASP B 131 17.14 -3.15 21.96
N LYS B 132 18.02 -2.65 22.83
CA LYS B 132 18.59 -3.46 23.92
C LYS B 132 17.53 -3.89 24.92
N ARG B 133 16.70 -2.94 25.36
CA ARG B 133 15.62 -3.23 26.32
C ARG B 133 14.54 -4.17 25.76
N MET B 134 14.28 -4.10 24.46
CA MET B 134 13.40 -5.08 23.80
C MET B 134 13.99 -6.49 23.88
N ASN B 135 15.31 -6.59 23.69
CA ASN B 135 16.00 -7.89 23.70
C ASN B 135 16.22 -8.50 25.09
N SER B 136 15.89 -7.77 26.16
CA SER B 136 15.83 -8.34 27.51
C SER B 136 14.38 -8.58 27.98
N ILE B 137 13.40 -8.18 27.17
CA ILE B 137 11.97 -8.47 27.38
C ILE B 137 11.54 -9.73 26.60
N LYS B 138 12.17 -9.97 25.44
CA LYS B 138 11.86 -11.12 24.58
C LYS B 138 11.93 -12.51 25.25
N PRO B 139 13.01 -12.80 26.00
CA PRO B 139 13.05 -14.12 26.64
C PRO B 139 11.99 -14.31 27.74
N ASP B 140 11.75 -13.27 28.55
CA ASP B 140 10.66 -13.27 29.54
C ASP B 140 9.31 -13.52 28.87
N LEU B 141 9.03 -12.72 27.85
CA LEU B 141 7.79 -12.78 27.08
C LEU B 141 7.53 -14.16 26.48
N ILE B 142 8.51 -14.69 25.76
CA ILE B 142 8.42 -16.01 25.12
C ILE B 142 8.21 -17.14 26.15
N GLN B 143 8.90 -17.04 27.28
CA GLN B 143 8.77 -18.05 28.34
C GLN B 143 7.37 -18.00 28.97
N LEU B 144 6.87 -16.79 29.21
CA LEU B 144 5.50 -16.60 29.69
C LEU B 144 4.45 -17.06 28.69
N ARG B 145 4.71 -16.90 27.39
CA ARG B 145 3.84 -17.47 26.35
C ARG B 145 3.79 -18.99 26.48
N LYS B 146 4.96 -19.61 26.55
CA LYS B 146 5.08 -21.07 26.53
C LYS B 146 4.57 -21.74 27.82
N THR B 147 4.77 -21.08 28.95
CA THR B 147 4.20 -21.51 30.23
C THR B 147 2.67 -21.46 30.18
N ARG B 148 2.14 -20.30 29.80
CA ARG B 148 0.70 -20.12 29.61
C ARG B 148 0.12 -21.24 28.76
N ASP B 149 0.80 -21.59 27.67
CA ASP B 149 0.35 -22.65 26.76
C ASP B 149 0.47 -24.06 27.37
N GLN B 150 1.53 -24.32 28.13
CA GLN B 150 1.68 -25.60 28.87
C GLN B 150 0.53 -25.87 29.84
N TYR B 151 0.15 -24.84 30.60
CA TYR B 151 -0.92 -24.96 31.60
C TYR B 151 -2.30 -25.18 30.94
N LEU B 152 -2.54 -24.52 29.80
CA LEU B 152 -3.73 -24.82 28.98
C LEU B 152 -3.77 -26.26 28.49
N MET B 153 -2.66 -26.73 27.96
CA MET B 153 -2.53 -28.13 27.51
C MET B 153 -2.79 -29.11 28.64
N TRP B 154 -2.30 -28.78 29.83
CA TRP B 154 -2.49 -29.61 31.01
C TRP B 154 -3.96 -29.76 31.38
N LEU B 155 -4.64 -28.62 31.52
CA LEU B 155 -6.04 -28.61 31.95
C LEU B 155 -6.98 -29.19 30.88
N THR B 156 -6.66 -28.99 29.60
CA THR B 156 -7.44 -29.59 28.50
C THR B 156 -7.40 -31.11 28.57
N GLN B 157 -6.20 -31.67 28.76
CA GLN B 157 -6.02 -33.12 28.91
C GLN B 157 -6.77 -33.66 30.10
N LYS B 158 -6.63 -32.98 31.24
CA LYS B 158 -7.37 -33.30 32.45
C LYS B 158 -8.90 -33.21 32.27
N GLY B 159 -9.33 -32.47 31.25
CA GLY B 159 -10.71 -32.48 30.79
C GLY B 159 -11.51 -31.30 31.30
N VAL B 160 -10.85 -30.14 31.43
CA VAL B 160 -11.51 -28.97 31.98
C VAL B 160 -12.32 -28.33 30.86
N ARG B 161 -13.50 -27.83 31.24
CA ARG B 161 -14.50 -27.35 30.30
C ARG B 161 -14.00 -26.06 29.68
N GLN B 162 -14.30 -25.85 28.39
CA GLN B 162 -13.85 -24.65 27.68
C GLN B 162 -14.33 -23.33 28.32
N LYS B 163 -15.53 -23.35 28.91
CA LYS B 163 -16.05 -22.18 29.63
C LYS B 163 -15.20 -21.79 30.86
N LYS B 164 -14.66 -22.77 31.55
CA LYS B 164 -13.84 -22.54 32.75
C LYS B 164 -12.48 -21.96 32.37
N LEU B 165 -11.90 -22.43 31.27
CA LEU B 165 -10.62 -21.93 30.78
C LEU B 165 -10.72 -20.47 30.34
N ASN B 166 -11.86 -20.11 29.74
CA ASN B 166 -12.11 -18.74 29.30
C ASN B 166 -12.18 -17.72 30.43
N GLU B 167 -12.83 -18.07 31.53
CA GLU B 167 -12.87 -17.18 32.70
C GLU B 167 -11.51 -17.02 33.38
N TRP B 168 -10.64 -18.03 33.31
CA TRP B 168 -9.25 -17.89 33.78
C TRP B 168 -8.40 -17.02 32.86
N LEU B 169 -8.60 -17.14 31.55
CA LEU B 169 -7.90 -16.28 30.58
C LEU B 169 -8.55 -14.88 30.55
N GLY B 170 -8.08 -14.03 31.46
CA GLY B 170 -8.59 -12.67 31.59
C GLY B 170 -9.93 -12.63 32.31
C1 M5D C . -19.80 7.41 8.76
C2 M5D C . -18.73 6.95 9.56
C4 M5D C . -19.63 8.00 11.41
C5 M5D C . -20.72 8.49 10.64
C8 M5D C . -22.68 10.06 10.31
C12 M5D C . -22.69 10.78 12.94
C16 M5D C . -20.94 13.95 11.52
C18 M5D C . -20.49 15.29 12.11
C19 M5D C . -21.81 15.19 11.34
C21 M5D C . -21.87 15.88 9.97
C23 M5D C . -17.66 6.12 9.06
C30 M5D C . -19.64 5.27 4.24
N3 M5D C . -18.70 7.26 10.86
N6 M5D C . -20.75 8.16 9.35
N7 M5D C . -21.74 9.31 11.18
C9 M5D C . -22.49 11.57 10.57
N11 M5D C . -22.19 11.80 12.00
C13 M5D C . -21.92 9.48 12.65
C14 M5D C . -21.47 12.88 12.45
O15 M5D C . -21.25 13.02 13.64
C22 M5D C . -23.72 12.37 10.13
N24 M5D C . -16.76 5.50 8.80
C25 M5D C . -19.97 7.12 7.32
C26 M5D C . -20.69 7.93 6.42
N27 M5D C . -20.67 7.39 5.24
N28 M5D C . -19.92 6.20 5.33
C29 M5D C . -19.51 6.05 6.60
#